data_1UOO
#
_entry.id   1UOO
#
_cell.length_a   70.200
_cell.length_b   98.700
_cell.length_c   109.400
_cell.angle_alpha   90.00
_cell.angle_beta   90.00
_cell.angle_gamma   90.00
#
_symmetry.space_group_name_H-M   'P 21 21 21'
#
loop_
_entity.id
_entity.type
_entity.pdbx_description
1 polymer 'PROLYL ENDOPEPTIDASE'
2 polymer 'PEPTIDE LIGAND GLY-PHE-ARG-PRO'
3 non-polymer GLYCEROL
4 water water
#
loop_
_entity_poly.entity_id
_entity_poly.type
_entity_poly.pdbx_seq_one_letter_code
_entity_poly.pdbx_strand_id
1 'polypeptide(L)'
;MLSFQYPDVYRDETAIQDYHGHKVCDPYAWLEDPDSEQTKAFVEAQNKITVPFLEQCPIRGLYKERMTELYDYPKYSCHF
KKGKRYFYFYNTGLQNQRVLYVQDSLEGEARVFLDPNILSDDGTVALRGYAFSEDGEYFAYGLSASGSDWVTIKFMKVDG
AKELPDVLERVKFSCMAWTHDGKGMFYNAYPQQDGKSDGTETSTNLHQKLYYHVLGTDQSEDILCAEFPDEPKWMGGAEL
SDDGRYVLLSIREGCDPVNRLWYCDLQQESNGITGILKWVKLIDNFEGEYDYVTNEGTVFTFKTNRHSPNYRLINIDFTD
PEESKWKVLVPEHEKDVLEWVACVRSNFLVLCYLHDVKNTLQLHDLATGALLKIFPLEVGSVVGYSGQKKDTEIFYQFTS
FLSPGIIYHCDLTKEELEPRVFREVTVKGIDASDYQTVQIFYPSKDGTKIPMFIVHKKGIKLDGSHPAFLYGYGGFNISI
TPNYSVSRLIFVRHMGGVLAVANIRGGGEYGETWHKGGILANKQNCFDDFQCAAEYLIKEGYTSPKRLTINGGANGGLLV
ATCANQRPDLFGCVIAQVGVMDMLKFHKYTIGHAWTTDYGCSDSKQHFEWLIKYSPLHNVKLPEADDIQYPSMLLLTADH
DDRVVPLHSLKFIATLQYIVGRSRKQNNPLLIHVDTKAGHGAGKPTAKVIEEVSDMFAFIARCLNIDWIP
;
A
2 'polypeptide(L)' GFRP B
#
# COMPACT_ATOMS: atom_id res chain seq x y z
N MET A 1 22.89 20.68 -20.57
CA MET A 1 22.31 19.58 -19.73
C MET A 1 21.04 18.99 -20.36
N LEU A 2 20.32 19.81 -21.12
CA LEU A 2 19.12 19.36 -21.82
C LEU A 2 19.43 19.14 -23.30
N SER A 3 20.22 18.10 -23.57
CA SER A 3 20.71 17.82 -24.92
C SER A 3 19.71 16.99 -25.73
N PHE A 4 18.43 17.20 -25.46
CA PHE A 4 17.36 16.54 -26.19
C PHE A 4 16.27 17.56 -26.53
N GLN A 5 15.18 17.06 -27.12
CA GLN A 5 14.00 17.88 -27.39
C GLN A 5 12.76 17.14 -26.91
N TYR A 6 11.83 17.87 -26.30
CA TYR A 6 10.56 17.28 -25.90
C TYR A 6 9.75 16.93 -27.14
N PRO A 7 9.15 15.74 -27.17
CA PRO A 7 8.38 15.30 -28.33
C PRO A 7 7.16 16.19 -28.58
N ASP A 8 6.84 16.39 -29.85
CA ASP A 8 5.64 17.09 -30.24
C ASP A 8 4.44 16.23 -29.84
N VAL A 9 3.51 16.84 -29.11
CA VAL A 9 2.32 16.15 -28.65
C VAL A 9 1.10 16.97 -29.06
N TYR A 10 0.20 16.34 -29.80
CA TYR A 10 -0.99 17.00 -30.34
C TYR A 10 -1.94 17.43 -29.23
N ARG A 11 -2.42 18.67 -29.33
CA ARG A 11 -3.36 19.23 -28.37
C ARG A 11 -4.76 19.28 -28.96
N ASP A 12 -5.68 18.56 -28.35
CA ASP A 12 -7.09 18.62 -28.75
C ASP A 12 -7.76 19.78 -28.05
N GLU A 13 -7.75 20.93 -28.71
CA GLU A 13 -8.32 22.16 -28.15
C GLU A 13 -9.86 22.14 -28.08
N THR A 14 -10.48 21.20 -28.80
CA THR A 14 -11.95 21.06 -28.79
C THR A 14 -12.48 20.35 -27.53
N ALA A 15 -11.61 19.60 -26.85
CA ALA A 15 -12.00 18.82 -25.67
C ALA A 15 -12.29 19.73 -24.45
N ILE A 16 -13.42 20.42 -24.52
CA ILE A 16 -13.85 21.33 -23.46
C ILE A 16 -15.07 20.72 -22.76
N GLN A 17 -14.97 20.61 -21.44
CA GLN A 17 -16.06 20.08 -20.62
C GLN A 17 -16.56 21.11 -19.61
N ASP A 18 -17.87 21.15 -19.43
CA ASP A 18 -18.49 21.99 -18.42
C ASP A 18 -18.61 21.24 -17.09
N TYR A 19 -17.97 21.78 -16.06
CA TYR A 19 -18.15 21.30 -14.69
C TYR A 19 -18.88 22.38 -13.91
N HIS A 20 -20.19 22.22 -13.76
CA HIS A 20 -21.04 23.13 -12.98
C HIS A 20 -20.81 24.62 -13.29
N GLY A 21 -20.64 24.94 -14.58
CA GLY A 21 -20.42 26.31 -15.00
C GLY A 21 -18.98 26.69 -15.28
N HIS A 22 -18.05 25.88 -14.76
CA HIS A 22 -16.62 26.07 -15.00
C HIS A 22 -16.21 25.27 -16.24
N LYS A 23 -15.55 25.95 -17.19
CA LYS A 23 -15.09 25.30 -18.42
C LYS A 23 -13.68 24.75 -18.24
N VAL A 24 -13.53 23.44 -18.43
CA VAL A 24 -12.23 22.79 -18.30
C VAL A 24 -11.78 22.23 -19.64
N CYS A 25 -10.53 22.54 -20.00
CA CYS A 25 -9.91 22.05 -21.21
C CYS A 25 -9.04 20.83 -20.92
N ASP A 26 -9.22 19.77 -21.72
CA ASP A 26 -8.45 18.53 -21.55
C ASP A 26 -7.80 18.12 -22.88
N PRO A 27 -6.81 18.89 -23.35
CA PRO A 27 -6.25 18.71 -24.69
C PRO A 27 -5.53 17.37 -24.90
N TYR A 28 -5.18 16.69 -23.81
CA TYR A 28 -4.49 15.41 -23.91
C TYR A 28 -5.38 14.23 -23.53
N ALA A 29 -6.69 14.42 -23.68
CA ALA A 29 -7.69 13.40 -23.35
C ALA A 29 -7.54 12.13 -24.19
N TRP A 30 -6.92 12.24 -25.35
CA TRP A 30 -6.71 11.10 -26.24
C TRP A 30 -5.70 10.10 -25.67
N LEU A 31 -4.91 10.54 -24.68
CA LEU A 31 -3.96 9.65 -24.00
C LEU A 31 -4.65 8.66 -23.04
N GLU A 32 -5.97 8.80 -22.89
CA GLU A 32 -6.77 7.93 -22.05
C GLU A 32 -7.00 6.55 -22.69
N ASP A 33 -6.71 6.43 -23.99
CA ASP A 33 -6.79 5.15 -24.69
C ASP A 33 -5.41 4.50 -24.75
N PRO A 34 -5.16 3.53 -23.89
CA PRO A 34 -3.84 2.90 -23.78
C PRO A 34 -3.46 2.05 -24.99
N ASP A 35 -4.46 1.57 -25.73
CA ASP A 35 -4.24 0.66 -26.85
C ASP A 35 -4.01 1.33 -28.20
N SER A 36 -4.25 2.63 -28.27
CA SER A 36 -4.11 3.37 -29.52
C SER A 36 -2.65 3.48 -29.96
N GLU A 37 -2.43 3.62 -31.26
CA GLU A 37 -1.09 3.81 -31.78
C GLU A 37 -0.50 5.15 -31.34
N GLN A 38 -1.36 6.16 -31.22
CA GLN A 38 -1.00 7.49 -30.73
C GLN A 38 -0.38 7.43 -29.33
N THR A 39 -1.07 6.72 -28.43
CA THR A 39 -0.61 6.58 -27.05
C THR A 39 0.71 5.81 -26.97
N LYS A 40 0.78 4.69 -27.69
CA LYS A 40 1.98 3.88 -27.76
C LYS A 40 3.17 4.69 -28.30
N ALA A 41 2.92 5.47 -29.34
CA ALA A 41 3.96 6.33 -29.93
C ALA A 41 4.43 7.42 -28.97
N PHE A 42 3.48 8.00 -28.22
CA PHE A 42 3.78 9.02 -27.23
C PHE A 42 4.67 8.46 -26.12
N VAL A 43 4.29 7.29 -25.61
CA VAL A 43 5.05 6.58 -24.57
C VAL A 43 6.48 6.32 -25.06
N GLU A 44 6.58 5.75 -26.27
CA GLU A 44 7.88 5.45 -26.89
C GLU A 44 8.78 6.69 -26.98
N ALA A 45 8.22 7.80 -27.45
CA ALA A 45 8.99 9.04 -27.61
C ALA A 45 9.47 9.61 -26.28
N GLN A 46 8.67 9.43 -25.23
CA GLN A 46 9.04 9.86 -23.88
C GLN A 46 10.14 9.00 -23.27
N ASN A 47 10.01 7.67 -23.39
CA ASN A 47 11.03 6.74 -22.92
C ASN A 47 12.36 6.92 -23.65
N LYS A 48 12.28 7.38 -24.90
CA LYS A 48 13.44 7.59 -25.74
C LYS A 48 14.35 8.74 -25.29
N ILE A 49 13.82 9.66 -24.50
CA ILE A 49 14.62 10.78 -23.98
C ILE A 49 14.94 10.62 -22.49
N THR A 50 14.10 9.88 -21.77
CA THR A 50 14.30 9.66 -20.35
C THR A 50 15.42 8.68 -20.06
N VAL A 51 15.35 7.50 -20.68
CA VAL A 51 16.35 6.45 -20.44
C VAL A 51 17.81 6.92 -20.70
N PRO A 52 18.11 7.49 -21.88
CA PRO A 52 19.44 8.06 -22.13
C PRO A 52 19.84 9.12 -21.11
N PHE A 53 18.89 9.93 -20.65
CA PHE A 53 19.16 10.94 -19.62
C PHE A 53 19.59 10.32 -18.29
N LEU A 54 18.86 9.29 -17.87
CA LEU A 54 19.12 8.61 -16.60
C LEU A 54 20.42 7.81 -16.62
N GLU A 55 20.76 7.25 -17.79
CA GLU A 55 21.88 6.34 -17.91
C GLU A 55 23.21 6.99 -18.36
N GLN A 56 23.17 8.28 -18.68
CA GLN A 56 24.36 8.98 -19.17
C GLN A 56 25.48 9.04 -18.14
N CYS A 57 25.09 9.13 -16.87
CA CYS A 57 26.05 9.23 -15.79
C CYS A 57 26.43 7.85 -15.25
N PRO A 58 27.73 7.62 -15.03
CA PRO A 58 28.20 6.37 -14.41
C PRO A 58 27.69 6.18 -12.97
N ILE A 59 27.13 7.23 -12.38
CA ILE A 59 26.57 7.17 -11.03
C ILE A 59 25.43 6.13 -10.88
N ARG A 60 24.65 5.95 -11.95
CA ARG A 60 23.58 4.96 -11.95
C ARG A 60 24.16 3.55 -11.84
N GLY A 61 25.22 3.30 -12.60
CA GLY A 61 25.93 2.04 -12.55
C GLY A 61 26.52 1.77 -11.18
N LEU A 62 27.06 2.80 -10.55
CA LEU A 62 27.64 2.71 -9.22
C LEU A 62 26.57 2.45 -8.17
N TYR A 63 25.42 3.09 -8.32
CA TYR A 63 24.29 2.89 -7.44
C TYR A 63 23.67 1.50 -7.58
N LYS A 64 23.39 1.09 -8.82
CA LYS A 64 22.85 -0.24 -9.13
C LYS A 64 23.75 -1.36 -8.59
N GLU A 65 25.06 -1.20 -8.77
CA GLU A 65 26.05 -2.18 -8.32
C GLU A 65 26.04 -2.28 -6.79
N ARG A 66 25.95 -1.12 -6.14
CA ARG A 66 25.91 -1.05 -4.68
C ARG A 66 24.56 -1.52 -4.14
N MET A 67 23.49 -1.18 -4.85
CA MET A 67 22.15 -1.65 -4.53
C MET A 67 22.08 -3.18 -4.61
N THR A 68 22.62 -3.74 -5.70
CA THR A 68 22.69 -5.19 -5.89
C THR A 68 23.51 -5.85 -4.79
N GLU A 69 24.58 -5.17 -4.37
CA GLU A 69 25.44 -5.63 -3.29
C GLU A 69 24.72 -5.67 -1.93
N LEU A 70 24.17 -4.53 -1.52
CA LEU A 70 23.59 -4.39 -0.17
C LEU A 70 22.16 -4.94 -0.03
N TYR A 71 21.44 -5.06 -1.15
CA TYR A 71 20.11 -5.68 -1.15
C TYR A 71 20.22 -7.21 -1.14
N ASP A 72 21.42 -7.71 -1.39
CA ASP A 72 21.69 -9.14 -1.38
C ASP A 72 21.85 -9.64 0.05
N TYR A 73 20.73 -9.71 0.77
CA TYR A 73 20.71 -10.28 2.13
C TYR A 73 19.47 -11.16 2.28
N PRO A 74 19.54 -12.18 3.14
CA PRO A 74 18.41 -13.09 3.34
C PRO A 74 17.17 -12.37 3.84
N LYS A 75 16.02 -12.72 3.27
CA LYS A 75 14.76 -12.11 3.66
C LYS A 75 13.75 -13.19 4.03
N TYR A 76 13.25 -13.13 5.26
CA TYR A 76 12.28 -14.09 5.74
C TYR A 76 10.98 -13.43 6.15
N SER A 77 9.87 -14.10 5.86
CA SER A 77 8.60 -13.83 6.51
C SER A 77 8.57 -14.63 7.81
N CYS A 78 7.60 -14.32 8.66
CA CYS A 78 7.35 -15.11 9.86
C CYS A 78 7.04 -16.57 9.49
N HIS A 79 7.41 -17.48 10.39
CA HIS A 79 6.93 -18.85 10.32
C HIS A 79 5.44 -18.82 10.67
N PHE A 80 4.66 -19.66 10.00
CA PHE A 80 3.27 -19.86 10.39
C PHE A 80 2.88 -21.32 10.23
N LYS A 81 1.98 -21.77 11.11
CA LYS A 81 1.54 -23.16 11.09
C LYS A 81 0.16 -23.29 10.46
N LYS A 82 0.03 -24.28 9.57
CA LYS A 82 -1.26 -24.73 9.06
C LYS A 82 -1.23 -26.24 9.09
N GLY A 83 -2.22 -26.84 9.76
CA GLY A 83 -2.24 -28.28 9.96
C GLY A 83 -1.06 -28.74 10.79
N LYS A 84 -0.36 -29.75 10.31
CA LYS A 84 0.79 -30.33 11.02
C LYS A 84 2.13 -29.79 10.49
N ARG A 85 2.07 -28.76 9.65
CA ARG A 85 3.25 -28.26 8.96
C ARG A 85 3.48 -26.78 9.19
N TYR A 86 4.75 -26.38 9.12
CA TYR A 86 5.13 -24.97 9.18
C TYR A 86 5.45 -24.45 7.78
N PHE A 87 5.09 -23.19 7.55
CA PHE A 87 5.36 -22.53 6.28
C PHE A 87 6.04 -21.18 6.54
N TYR A 88 6.81 -20.72 5.56
CA TYR A 88 7.46 -19.41 5.59
C TYR A 88 7.95 -19.01 4.21
N PHE A 89 8.00 -17.70 3.95
CA PHE A 89 8.54 -17.17 2.71
C PHE A 89 10.02 -16.83 2.90
N TYR A 90 10.81 -17.03 1.85
CA TYR A 90 12.25 -16.82 1.91
C TYR A 90 12.85 -16.41 0.58
N ASN A 91 13.73 -15.42 0.64
CA ASN A 91 14.52 -14.95 -0.49
C ASN A 91 15.99 -15.01 -0.10
N THR A 92 16.80 -15.69 -0.91
CA THR A 92 18.24 -15.79 -0.65
C THR A 92 18.86 -14.41 -0.60
N GLY A 93 18.29 -13.50 -1.37
CA GLY A 93 18.72 -12.11 -1.39
C GLY A 93 18.25 -11.43 -2.64
N LEU A 94 18.60 -12.00 -3.79
CA LEU A 94 18.35 -11.35 -5.07
C LEU A 94 17.31 -12.05 -5.96
N GLN A 95 16.65 -13.08 -5.44
CA GLN A 95 15.58 -13.75 -6.18
C GLN A 95 14.48 -12.74 -6.50
N ASN A 96 13.95 -12.82 -7.72
CA ASN A 96 12.89 -11.91 -8.16
C ASN A 96 11.65 -11.96 -7.26
N GLN A 97 11.30 -13.17 -6.84
CA GLN A 97 10.15 -13.40 -5.95
C GLN A 97 10.57 -14.27 -4.77
N ARG A 98 10.01 -14.00 -3.60
CA ARG A 98 10.22 -14.86 -2.43
C ARG A 98 9.53 -16.21 -2.64
N VAL A 99 10.11 -17.25 -2.06
CA VAL A 99 9.62 -18.62 -2.25
C VAL A 99 8.94 -19.11 -0.97
N LEU A 100 7.79 -19.76 -1.12
CA LEU A 100 7.10 -20.38 0.01
C LEU A 100 7.69 -21.74 0.32
N TYR A 101 8.16 -21.89 1.56
CA TYR A 101 8.78 -23.13 2.01
C TYR A 101 7.87 -23.89 2.98
N VAL A 102 8.03 -25.21 3.02
CA VAL A 102 7.33 -26.05 3.97
C VAL A 102 8.31 -26.91 4.78
N GLN A 103 8.01 -27.10 6.06
CA GLN A 103 8.70 -28.07 6.88
C GLN A 103 7.72 -28.77 7.83
N ASP A 104 7.93 -30.06 8.03
CA ASP A 104 7.02 -30.89 8.83
C ASP A 104 7.10 -30.60 10.33
N SER A 105 8.20 -29.98 10.75
CA SER A 105 8.41 -29.60 12.14
C SER A 105 9.33 -28.38 12.23
N LEU A 106 9.38 -27.77 13.42
CA LEU A 106 10.17 -26.56 13.65
C LEU A 106 11.68 -26.78 13.54
N GLU A 107 12.13 -28.03 13.70
CA GLU A 107 13.54 -28.38 13.60
C GLU A 107 13.85 -29.22 12.35
N GLY A 108 12.81 -29.57 11.61
CA GLY A 108 12.94 -30.42 10.43
C GLY A 108 13.45 -29.71 9.19
N GLU A 109 13.79 -30.51 8.17
CA GLU A 109 14.33 -30.00 6.90
C GLU A 109 13.26 -29.30 6.07
N ALA A 110 13.61 -28.13 5.53
CA ALA A 110 12.72 -27.34 4.71
C ALA A 110 12.85 -27.67 3.22
N ARG A 111 11.73 -27.70 2.52
CA ARG A 111 11.70 -27.88 1.06
C ARG A 111 10.81 -26.83 0.39
N VAL A 112 11.09 -26.57 -0.89
CA VAL A 112 10.29 -25.64 -1.69
C VAL A 112 8.86 -26.18 -1.83
N PHE A 113 7.89 -25.32 -1.52
CA PHE A 113 6.47 -25.66 -1.66
C PHE A 113 5.86 -24.94 -2.87
N LEU A 114 6.11 -23.64 -2.98
CA LEU A 114 5.70 -22.87 -4.16
C LEU A 114 6.78 -21.85 -4.55
N ASP A 115 7.39 -22.08 -5.71
CA ASP A 115 8.39 -21.16 -6.27
C ASP A 115 7.80 -20.39 -7.45
N PRO A 116 7.43 -19.13 -7.23
CA PRO A 116 6.83 -18.29 -8.27
C PRO A 116 7.82 -17.89 -9.39
N ASN A 117 9.12 -17.98 -9.10
CA ASN A 117 10.15 -17.60 -10.07
C ASN A 117 10.14 -18.45 -11.33
N ILE A 118 9.74 -19.71 -11.20
CA ILE A 118 9.71 -20.64 -12.32
C ILE A 118 8.49 -20.47 -13.23
N LEU A 119 7.59 -19.57 -12.86
CA LEU A 119 6.36 -19.33 -13.60
C LEU A 119 6.50 -18.20 -14.63
N SER A 120 7.66 -17.55 -14.64
CA SER A 120 7.93 -16.41 -15.52
C SER A 120 9.43 -16.23 -15.78
N ASP A 121 9.76 -15.79 -16.99
CA ASP A 121 11.14 -15.58 -17.40
C ASP A 121 11.78 -14.32 -16.82
N ASP A 122 10.95 -13.40 -16.35
CA ASP A 122 11.43 -12.13 -15.82
C ASP A 122 10.83 -11.82 -14.43
N GLY A 123 10.35 -12.86 -13.76
CA GLY A 123 9.78 -12.74 -12.43
C GLY A 123 8.57 -11.83 -12.28
N THR A 124 7.81 -11.68 -13.37
CA THR A 124 6.64 -10.79 -13.36
C THR A 124 5.31 -11.52 -13.14
N VAL A 125 5.38 -12.81 -12.85
CA VAL A 125 4.22 -13.52 -12.32
C VAL A 125 4.45 -13.62 -10.80
N ALA A 126 3.51 -13.07 -10.04
CA ALA A 126 3.67 -12.95 -8.60
C ALA A 126 2.47 -13.53 -7.85
N LEU A 127 2.74 -14.03 -6.65
CA LEU A 127 1.70 -14.49 -5.75
C LEU A 127 0.94 -13.28 -5.20
N ARG A 128 -0.39 -13.35 -5.23
CA ARG A 128 -1.23 -12.29 -4.66
C ARG A 128 -2.41 -12.86 -3.88
N GLY A 129 -2.23 -13.00 -2.57
CA GLY A 129 -3.24 -13.61 -1.73
C GLY A 129 -3.17 -15.12 -1.76
N TYR A 130 -3.51 -15.74 -0.63
CA TYR A 130 -3.53 -17.18 -0.50
C TYR A 130 -4.36 -17.59 0.71
N ALA A 131 -4.87 -18.81 0.69
CA ALA A 131 -5.63 -19.35 1.82
C ALA A 131 -5.45 -20.85 1.93
N PHE A 132 -5.05 -21.29 3.11
CA PHE A 132 -5.03 -22.70 3.44
C PHE A 132 -6.40 -23.12 3.92
N SER A 133 -6.73 -24.39 3.72
CA SER A 133 -7.89 -24.99 4.34
C SER A 133 -7.66 -25.06 5.85
N GLU A 134 -8.74 -25.22 6.62
CA GLU A 134 -8.67 -25.23 8.08
C GLU A 134 -7.67 -26.27 8.62
N ASP A 135 -7.74 -27.48 8.08
CA ASP A 135 -6.84 -28.56 8.51
C ASP A 135 -5.46 -28.52 7.82
N GLY A 136 -5.23 -27.49 7.01
CA GLY A 136 -3.96 -27.26 6.37
C GLY A 136 -3.53 -28.23 5.28
N GLU A 137 -4.46 -29.04 4.78
CA GLU A 137 -4.12 -30.05 3.78
C GLU A 137 -4.27 -29.56 2.34
N TYR A 138 -4.99 -28.45 2.16
CA TYR A 138 -5.21 -27.88 0.84
C TYR A 138 -4.87 -26.40 0.80
N PHE A 139 -4.46 -25.93 -0.39
CA PHE A 139 -3.89 -24.61 -0.56
C PHE A 139 -4.51 -23.91 -1.76
N ALA A 140 -4.95 -22.68 -1.55
CA ALA A 140 -5.39 -21.81 -2.63
C ALA A 140 -4.48 -20.61 -2.70
N TYR A 141 -4.15 -20.18 -3.91
CA TYR A 141 -3.25 -19.05 -4.11
C TYR A 141 -3.60 -18.23 -5.34
N GLY A 142 -3.48 -16.91 -5.20
CA GLY A 142 -3.71 -16.01 -6.32
C GLY A 142 -2.42 -15.75 -7.05
N LEU A 143 -2.50 -15.68 -8.37
CA LEU A 143 -1.36 -15.28 -9.19
C LEU A 143 -1.73 -14.06 -10.03
N SER A 144 -0.80 -13.09 -10.07
CA SER A 144 -0.97 -11.90 -10.89
C SER A 144 0.16 -11.80 -11.92
N ALA A 145 -0.19 -11.42 -13.14
CA ALA A 145 0.79 -11.28 -14.21
C ALA A 145 1.11 -9.81 -14.46
N SER A 146 2.40 -9.51 -14.62
CA SER A 146 2.89 -8.18 -14.99
C SER A 146 2.39 -7.05 -14.07
N GLY A 147 2.19 -7.36 -12.79
CA GLY A 147 1.80 -6.37 -11.80
C GLY A 147 0.34 -5.93 -11.75
N SER A 148 -0.50 -6.50 -12.63
CA SER A 148 -1.93 -6.18 -12.65
C SER A 148 -2.65 -6.64 -11.38
N ASP A 149 -3.73 -5.94 -11.03
CA ASP A 149 -4.56 -6.31 -9.87
C ASP A 149 -5.35 -7.60 -10.11
N TRP A 150 -5.60 -7.93 -11.38
CA TRP A 150 -6.29 -9.15 -11.77
C TRP A 150 -5.58 -10.39 -11.25
N VAL A 151 -6.36 -11.36 -10.78
CA VAL A 151 -5.83 -12.56 -10.15
C VAL A 151 -6.44 -13.82 -10.76
N THR A 152 -5.61 -14.85 -10.89
CA THR A 152 -6.06 -16.21 -11.18
C THR A 152 -5.80 -17.04 -9.92
N ILE A 153 -6.85 -17.61 -9.35
CA ILE A 153 -6.69 -18.49 -8.21
C ILE A 153 -6.50 -19.94 -8.69
N LYS A 154 -5.45 -20.56 -8.17
CA LYS A 154 -5.15 -21.97 -8.44
C LYS A 154 -5.11 -22.73 -7.13
N PHE A 155 -5.12 -24.06 -7.21
CA PHE A 155 -5.24 -24.90 -6.02
C PHE A 155 -4.18 -25.99 -5.96
N MET A 156 -3.79 -26.34 -4.73
CA MET A 156 -2.79 -27.38 -4.49
C MET A 156 -3.17 -28.26 -3.32
N LYS A 157 -2.89 -29.55 -3.45
CA LYS A 157 -2.87 -30.44 -2.28
C LYS A 157 -1.49 -30.30 -1.66
N VAL A 158 -1.47 -29.95 -0.37
CA VAL A 158 -0.22 -29.66 0.34
C VAL A 158 0.72 -30.87 0.37
N ASP A 159 0.23 -32.00 0.84
CA ASP A 159 1.01 -33.24 0.89
C ASP A 159 1.42 -33.68 -0.52
N GLY A 160 2.71 -33.55 -0.82
CA GLY A 160 3.24 -33.85 -2.13
C GLY A 160 3.21 -32.67 -3.09
N ALA A 161 2.77 -31.51 -2.59
CA ALA A 161 2.67 -30.27 -3.38
C ALA A 161 2.00 -30.48 -4.75
N LYS A 162 0.86 -31.16 -4.74
CA LYS A 162 0.21 -31.61 -5.98
C LYS A 162 -0.69 -30.55 -6.58
N GLU A 163 -0.54 -30.33 -7.89
CA GLU A 163 -1.38 -29.40 -8.64
C GLU A 163 -2.78 -29.97 -8.86
N LEU A 164 -3.79 -29.13 -8.62
CA LEU A 164 -5.20 -29.51 -8.83
C LEU A 164 -5.80 -28.75 -10.03
N PRO A 165 -6.80 -29.33 -10.70
CA PRO A 165 -7.40 -28.72 -11.90
C PRO A 165 -8.09 -27.37 -11.69
N ASP A 166 -8.57 -27.09 -10.48
CA ASP A 166 -9.35 -25.88 -10.17
C ASP A 166 -8.64 -24.57 -10.51
N VAL A 167 -9.29 -23.79 -11.37
CA VAL A 167 -8.80 -22.47 -11.78
C VAL A 167 -9.95 -21.47 -11.67
N LEU A 168 -9.69 -20.35 -11.03
CA LEU A 168 -10.69 -19.29 -10.87
C LEU A 168 -10.25 -18.01 -11.59
N GLU A 169 -11.10 -17.52 -12.49
CA GLU A 169 -10.78 -16.35 -13.31
C GLU A 169 -11.61 -15.13 -12.91
N ARG A 170 -11.20 -13.96 -13.42
CA ARG A 170 -11.88 -12.68 -13.17
C ARG A 170 -11.89 -12.29 -11.68
N VAL A 171 -10.85 -12.73 -10.97
CA VAL A 171 -10.72 -12.48 -9.55
C VAL A 171 -9.96 -11.18 -9.32
N LYS A 172 -10.52 -10.29 -8.51
CA LYS A 172 -9.92 -8.99 -8.22
C LYS A 172 -10.44 -8.41 -6.90
N PHE A 173 -9.52 -7.89 -6.09
CA PHE A 173 -9.83 -7.35 -4.76
C PHE A 173 -10.66 -8.32 -3.94
N SER A 174 -10.20 -9.56 -3.88
CA SER A 174 -11.02 -10.67 -3.45
C SER A 174 -10.61 -11.23 -2.09
N CYS A 175 -11.60 -11.78 -1.39
CA CYS A 175 -11.36 -12.57 -0.19
C CYS A 175 -10.93 -13.98 -0.61
N MET A 176 -10.50 -14.77 0.37
CA MET A 176 -10.23 -16.19 0.16
C MET A 176 -10.47 -16.88 1.50
N ALA A 177 -11.60 -17.59 1.62
CA ALA A 177 -11.96 -18.22 2.89
C ALA A 177 -12.59 -19.61 2.71
N TRP A 178 -11.87 -20.63 3.19
CA TRP A 178 -12.36 -22.00 3.17
C TRP A 178 -13.38 -22.21 4.28
N THR A 179 -14.49 -22.90 3.98
CA THR A 179 -15.35 -23.41 5.03
C THR A 179 -14.61 -24.56 5.72
N HIS A 180 -14.82 -24.68 7.03
CA HIS A 180 -14.04 -25.61 7.85
C HIS A 180 -14.30 -27.09 7.54
N ASP A 181 -15.31 -27.37 6.71
CA ASP A 181 -15.58 -28.73 6.25
C ASP A 181 -14.74 -29.09 5.02
N GLY A 182 -13.94 -28.13 4.56
CA GLY A 182 -13.02 -28.32 3.45
C GLY A 182 -13.66 -28.58 2.10
N LYS A 183 -14.97 -28.34 2.00
CA LYS A 183 -15.73 -28.61 0.78
C LYS A 183 -15.40 -27.61 -0.33
N GLY A 184 -15.13 -26.37 0.06
CA GLY A 184 -14.85 -25.33 -0.91
C GLY A 184 -14.41 -24.02 -0.28
N MET A 185 -14.44 -22.97 -1.09
CA MET A 185 -13.88 -21.67 -0.69
C MET A 185 -14.62 -20.47 -1.25
N PHE A 186 -14.83 -19.47 -0.38
CA PHE A 186 -15.39 -18.18 -0.77
C PHE A 186 -14.34 -17.33 -1.47
N TYR A 187 -14.78 -16.58 -2.48
CA TYR A 187 -13.92 -15.63 -3.20
C TYR A 187 -14.79 -14.59 -3.91
N ASN A 188 -14.15 -13.56 -4.44
CA ASN A 188 -14.84 -12.54 -5.23
C ASN A 188 -14.42 -12.56 -6.69
N ALA A 189 -15.39 -12.33 -7.57
CA ALA A 189 -15.13 -12.18 -9.00
C ALA A 189 -16.00 -11.08 -9.63
N TYR A 190 -15.56 -10.56 -10.76
CA TYR A 190 -16.30 -9.54 -11.50
C TYR A 190 -16.91 -10.16 -12.76
N PRO A 191 -18.12 -9.73 -13.14
CA PRO A 191 -18.75 -10.20 -14.37
C PRO A 191 -17.90 -9.91 -15.60
N GLN A 192 -18.18 -10.60 -16.71
CA GLN A 192 -17.45 -10.37 -17.96
C GLN A 192 -17.67 -8.94 -18.46
N GLN A 193 -16.65 -8.40 -19.13
CA GLN A 193 -16.73 -7.07 -19.71
C GLN A 193 -16.14 -7.08 -21.11
N ASP A 194 -16.50 -6.09 -21.92
CA ASP A 194 -15.93 -5.96 -23.25
C ASP A 194 -14.51 -5.41 -23.18
N GLY A 195 -13.73 -5.67 -24.22
CA GLY A 195 -12.32 -5.30 -24.24
C GLY A 195 -11.48 -6.25 -23.41
N LYS A 196 -10.29 -5.77 -23.02
CA LYS A 196 -9.32 -6.61 -22.33
C LYS A 196 -9.47 -6.61 -20.80
N SER A 197 -8.89 -7.63 -20.18
CA SER A 197 -8.84 -7.72 -18.72
C SER A 197 -7.48 -8.22 -18.24
N ASP A 198 -6.42 -7.53 -18.69
CA ASP A 198 -5.05 -7.93 -18.38
C ASP A 198 -4.29 -6.90 -17.54
N GLY A 199 -4.91 -5.76 -17.30
CA GLY A 199 -4.29 -4.70 -16.52
C GLY A 199 -3.91 -3.46 -17.33
N THR A 200 -4.11 -3.53 -18.65
CA THR A 200 -3.83 -2.39 -19.54
C THR A 200 -5.08 -1.58 -19.84
N GLU A 201 -6.24 -2.17 -19.58
CA GLU A 201 -7.53 -1.50 -19.77
C GLU A 201 -7.82 -0.53 -18.63
N THR A 202 -8.78 0.38 -18.85
CA THR A 202 -9.15 1.38 -17.85
C THR A 202 -10.58 1.20 -17.34
N SER A 203 -11.29 0.20 -17.89
CA SER A 203 -12.71 -0.02 -17.59
C SER A 203 -12.97 -0.13 -16.09
N THR A 204 -13.98 0.60 -15.62
CA THR A 204 -14.34 0.63 -14.21
C THR A 204 -14.81 -0.74 -13.69
N ASN A 205 -14.47 -1.03 -12.44
CA ASN A 205 -14.83 -2.31 -11.83
C ASN A 205 -16.04 -2.16 -10.92
N LEU A 206 -17.16 -2.74 -11.35
CA LEU A 206 -18.42 -2.66 -10.62
C LEU A 206 -19.09 -4.04 -10.55
N HIS A 207 -20.06 -4.16 -9.65
CA HIS A 207 -20.85 -5.39 -9.49
C HIS A 207 -20.02 -6.60 -9.06
N GLN A 208 -19.04 -6.39 -8.18
CA GLN A 208 -18.26 -7.47 -7.60
C GLN A 208 -19.18 -8.40 -6.85
N LYS A 209 -18.98 -9.71 -7.03
CA LYS A 209 -19.84 -10.70 -6.40
C LYS A 209 -19.05 -11.66 -5.53
N LEU A 210 -19.74 -12.22 -4.53
CA LEU A 210 -19.18 -13.27 -3.69
C LEU A 210 -19.63 -14.63 -4.19
N TYR A 211 -18.67 -15.46 -4.55
CA TYR A 211 -18.94 -16.81 -5.01
C TYR A 211 -18.38 -17.83 -4.02
N TYR A 212 -18.92 -19.04 -4.07
CA TYR A 212 -18.37 -20.16 -3.32
C TYR A 212 -17.95 -21.21 -4.32
N HIS A 213 -16.69 -21.62 -4.26
CA HIS A 213 -16.19 -22.63 -5.18
C HIS A 213 -16.06 -23.99 -4.49
N VAL A 214 -16.80 -24.97 -5.01
CA VAL A 214 -16.68 -26.35 -4.54
C VAL A 214 -15.48 -26.99 -5.22
N LEU A 215 -14.50 -27.41 -4.42
CA LEU A 215 -13.28 -28.02 -4.95
C LEU A 215 -13.57 -29.26 -5.78
N GLY A 216 -12.86 -29.39 -6.90
CA GLY A 216 -13.07 -30.48 -7.84
C GLY A 216 -14.10 -30.18 -8.91
N THR A 217 -14.65 -28.97 -8.92
CA THR A 217 -15.65 -28.59 -9.93
C THR A 217 -15.16 -27.46 -10.85
N ASP A 218 -15.90 -27.23 -11.93
CA ASP A 218 -15.66 -26.09 -12.81
C ASP A 218 -16.15 -24.81 -12.14
N GLN A 219 -15.50 -23.70 -12.47
CA GLN A 219 -15.88 -22.38 -11.97
C GLN A 219 -17.31 -22.00 -12.38
N SER A 220 -17.72 -22.44 -13.58
CA SER A 220 -19.07 -22.23 -14.08
C SER A 220 -20.17 -22.70 -13.12
N GLU A 221 -19.85 -23.72 -12.32
CA GLU A 221 -20.77 -24.30 -11.35
C GLU A 221 -20.83 -23.53 -10.03
N ASP A 222 -19.93 -22.55 -9.87
CA ASP A 222 -19.75 -21.84 -8.60
C ASP A 222 -21.04 -21.20 -8.09
N ILE A 223 -21.23 -21.27 -6.77
CA ILE A 223 -22.44 -20.77 -6.10
C ILE A 223 -22.32 -19.26 -5.88
N LEU A 224 -23.38 -18.53 -6.26
CA LEU A 224 -23.47 -17.11 -5.97
C LEU A 224 -24.09 -16.93 -4.58
N CYS A 225 -23.33 -16.31 -3.67
CA CYS A 225 -23.70 -16.24 -2.26
C CYS A 225 -24.13 -14.86 -1.79
N ALA A 226 -23.61 -13.82 -2.44
CA ALA A 226 -24.04 -12.45 -2.19
C ALA A 226 -23.81 -11.60 -3.43
N GLU A 227 -24.76 -10.71 -3.70
CA GLU A 227 -24.65 -9.73 -4.79
C GLU A 227 -25.43 -8.47 -4.44
N PHE A 228 -24.99 -7.34 -4.98
CA PHE A 228 -25.61 -6.06 -4.67
C PHE A 228 -25.86 -5.26 -5.95
N PRO A 229 -26.78 -5.75 -6.80
CA PRO A 229 -27.01 -5.16 -8.12
C PRO A 229 -27.58 -3.75 -8.06
N ASP A 230 -28.20 -3.40 -6.94
CA ASP A 230 -28.69 -2.03 -6.72
C ASP A 230 -27.58 -1.10 -6.20
N GLU A 231 -26.46 -1.70 -5.79
CA GLU A 231 -25.34 -0.95 -5.23
C GLU A 231 -24.02 -1.41 -5.84
N PRO A 232 -23.76 -0.98 -7.09
CA PRO A 232 -22.69 -1.54 -7.91
C PRO A 232 -21.26 -1.32 -7.38
N LYS A 233 -21.08 -0.38 -6.44
CA LYS A 233 -19.76 -0.10 -5.87
C LYS A 233 -19.46 -0.92 -4.63
N TRP A 234 -20.49 -1.58 -4.09
CA TRP A 234 -20.35 -2.40 -2.87
C TRP A 234 -19.46 -3.61 -3.11
N MET A 235 -18.64 -3.91 -2.10
CA MET A 235 -17.71 -5.04 -2.14
C MET A 235 -17.83 -5.88 -0.87
N GLY A 236 -18.21 -7.14 -1.02
CA GLY A 236 -18.42 -8.03 0.11
C GLY A 236 -17.37 -9.11 0.29
N GLY A 237 -16.54 -8.95 1.32
CA GLY A 237 -15.55 -9.96 1.66
C GLY A 237 -16.06 -10.90 2.74
N ALA A 238 -15.85 -12.21 2.52
CA ALA A 238 -16.27 -13.21 3.49
C ALA A 238 -15.10 -13.81 4.29
N GLU A 239 -15.39 -14.17 5.54
CA GLU A 239 -14.45 -14.94 6.34
C GLU A 239 -15.23 -15.86 7.27
N LEU A 240 -14.59 -16.95 7.68
CA LEU A 240 -15.19 -17.85 8.66
C LEU A 240 -14.74 -17.48 10.06
N SER A 241 -15.67 -17.54 11.00
CA SER A 241 -15.35 -17.42 12.42
C SER A 241 -14.38 -18.53 12.84
N ASP A 242 -13.68 -18.31 13.95
CA ASP A 242 -12.68 -19.25 14.45
C ASP A 242 -13.21 -20.67 14.61
N ASP A 243 -14.45 -20.80 15.05
CA ASP A 243 -15.06 -22.12 15.25
C ASP A 243 -15.61 -22.73 13.96
N GLY A 244 -15.62 -21.93 12.89
CA GLY A 244 -16.10 -22.38 11.58
C GLY A 244 -17.61 -22.41 11.43
N ARG A 245 -18.30 -21.79 12.39
CA ARG A 245 -19.76 -21.84 12.45
C ARG A 245 -20.45 -20.73 11.63
N TYR A 246 -19.84 -19.55 11.61
CA TYR A 246 -20.42 -18.38 10.95
C TYR A 246 -19.59 -17.88 9.77
N VAL A 247 -20.25 -17.57 8.66
CA VAL A 247 -19.64 -16.76 7.61
C VAL A 247 -19.91 -15.30 7.95
N LEU A 248 -18.84 -14.52 8.07
CA LEU A 248 -18.97 -13.09 8.31
C LEU A 248 -18.70 -12.30 7.04
N LEU A 249 -19.62 -11.42 6.69
CA LEU A 249 -19.53 -10.63 5.47
C LEU A 249 -19.25 -9.16 5.77
N SER A 250 -18.06 -8.69 5.40
CA SER A 250 -17.70 -7.29 5.51
C SER A 250 -17.94 -6.59 4.18
N ILE A 251 -18.92 -5.68 4.16
CA ILE A 251 -19.27 -4.95 2.94
C ILE A 251 -18.72 -3.53 3.00
N ARG A 252 -17.92 -3.18 2.01
CA ARG A 252 -17.30 -1.87 1.92
C ARG A 252 -17.75 -1.09 0.68
N GLU A 253 -17.81 0.22 0.82
CA GLU A 253 -18.02 1.13 -0.30
C GLU A 253 -17.12 2.34 -0.13
N GLY A 254 -16.01 2.35 -0.87
CA GLY A 254 -14.99 3.36 -0.71
C GLY A 254 -13.84 2.84 0.15
N CYS A 255 -13.02 3.76 0.64
CA CYS A 255 -11.80 3.40 1.36
C CYS A 255 -11.77 3.80 2.84
N ASP A 256 -12.84 4.41 3.32
CA ASP A 256 -12.96 4.74 4.75
C ASP A 256 -12.90 3.46 5.57
N PRO A 257 -12.30 3.51 6.75
CA PRO A 257 -12.31 2.36 7.67
C PRO A 257 -13.71 2.15 8.26
N VAL A 258 -14.63 1.72 7.41
CA VAL A 258 -16.00 1.41 7.80
C VAL A 258 -16.50 0.22 6.98
N ASN A 259 -17.44 -0.52 7.56
CA ASN A 259 -18.05 -1.66 6.87
C ASN A 259 -19.39 -2.06 7.48
N ARG A 260 -20.26 -2.61 6.64
CA ARG A 260 -21.44 -3.32 7.11
C ARG A 260 -20.94 -4.69 7.54
N LEU A 261 -21.63 -5.28 8.51
CA LEU A 261 -21.31 -6.62 8.99
C LEU A 261 -22.57 -7.47 9.00
N TRP A 262 -22.65 -8.41 8.06
CA TRP A 262 -23.71 -9.41 8.05
C TRP A 262 -23.11 -10.75 8.44
N TYR A 263 -23.94 -11.64 8.97
CA TYR A 263 -23.48 -12.99 9.27
C TYR A 263 -24.44 -14.08 8.81
N CYS A 264 -23.90 -15.27 8.61
CA CYS A 264 -24.69 -16.44 8.29
C CYS A 264 -24.22 -17.61 9.14
N ASP A 265 -25.09 -18.06 10.04
CA ASP A 265 -24.88 -19.29 10.76
C ASP A 265 -25.05 -20.44 9.77
N LEU A 266 -23.94 -21.10 9.44
CA LEU A 266 -23.95 -22.17 8.45
C LEU A 266 -24.75 -23.39 8.90
N GLN A 267 -24.82 -23.60 10.21
CA GLN A 267 -25.68 -24.62 10.79
C GLN A 267 -27.13 -24.37 10.41
N GLN A 268 -27.49 -23.09 10.31
CA GLN A 268 -28.86 -22.69 10.01
C GLN A 268 -29.24 -22.75 8.52
N GLU A 269 -28.27 -23.08 7.65
CA GLU A 269 -28.58 -23.28 6.24
C GLU A 269 -29.33 -24.59 6.06
N SER A 270 -30.41 -24.55 5.29
CA SER A 270 -31.31 -25.69 5.12
C SER A 270 -30.62 -26.92 4.53
N ASN A 271 -29.84 -26.72 3.47
CA ASN A 271 -29.19 -27.81 2.74
C ASN A 271 -27.76 -27.48 2.32
N GLY A 272 -27.01 -26.84 3.22
CA GLY A 272 -25.65 -26.41 2.94
C GLY A 272 -25.65 -25.15 2.09
N ILE A 273 -24.49 -24.79 1.55
CA ILE A 273 -24.39 -23.64 0.64
C ILE A 273 -24.86 -24.06 -0.75
N THR A 274 -26.03 -23.55 -1.17
CA THR A 274 -26.64 -23.89 -2.46
C THR A 274 -27.10 -22.67 -3.25
N GLY A 275 -27.11 -21.51 -2.60
CA GLY A 275 -27.52 -20.27 -3.23
C GLY A 275 -27.20 -19.08 -2.36
N ILE A 276 -28.02 -18.04 -2.48
CA ILE A 276 -27.89 -16.85 -1.65
C ILE A 276 -28.17 -17.23 -0.20
N LEU A 277 -27.24 -16.92 0.68
CA LEU A 277 -27.30 -17.35 2.08
C LEU A 277 -28.31 -16.52 2.89
N LYS A 278 -28.73 -17.09 4.01
CA LYS A 278 -29.64 -16.41 4.93
C LYS A 278 -28.86 -15.42 5.81
N TRP A 279 -28.49 -14.31 5.18
CA TRP A 279 -27.74 -13.25 5.84
C TRP A 279 -28.54 -12.58 6.96
N VAL A 280 -27.90 -12.43 8.11
CA VAL A 280 -28.47 -11.68 9.22
C VAL A 280 -27.68 -10.38 9.35
N LYS A 281 -28.37 -9.27 9.14
CA LYS A 281 -27.72 -7.97 9.00
C LYS A 281 -27.47 -7.32 10.35
N LEU A 282 -26.42 -7.77 11.02
CA LEU A 282 -26.04 -7.26 12.34
C LEU A 282 -25.79 -5.75 12.30
N ILE A 283 -24.87 -5.34 11.43
CA ILE A 283 -24.59 -3.93 11.20
C ILE A 283 -24.93 -3.63 9.75
N ASP A 284 -25.96 -2.81 9.53
CA ASP A 284 -26.46 -2.55 8.18
C ASP A 284 -26.32 -1.09 7.73
N ASN A 285 -25.18 -0.49 8.08
CA ASN A 285 -24.83 0.87 7.69
C ASN A 285 -23.32 1.01 7.57
N PHE A 286 -22.85 2.17 7.12
CA PHE A 286 -21.42 2.41 6.93
C PHE A 286 -20.86 3.38 7.99
N GLU A 287 -21.40 3.31 9.21
CA GLU A 287 -21.06 4.28 10.24
C GLU A 287 -19.85 3.88 11.09
N GLY A 288 -19.37 2.65 10.93
CA GLY A 288 -18.23 2.18 11.70
C GLY A 288 -17.54 0.94 11.16
N GLU A 289 -16.30 0.74 11.59
CA GLU A 289 -15.54 -0.46 11.24
C GLU A 289 -15.84 -1.57 12.22
N TYR A 290 -15.96 -2.79 11.70
CA TYR A 290 -16.17 -3.97 12.53
C TYR A 290 -15.31 -5.08 11.97
N ASP A 291 -14.16 -5.28 12.59
CA ASP A 291 -13.14 -6.22 12.16
C ASP A 291 -13.08 -7.37 13.15
N TYR A 292 -13.48 -8.56 12.69
CA TYR A 292 -13.55 -9.76 13.51
C TYR A 292 -12.22 -10.12 14.17
N VAL A 293 -12.23 -10.29 15.48
CA VAL A 293 -11.05 -10.78 16.18
C VAL A 293 -11.23 -12.26 16.53
N THR A 294 -12.28 -12.55 17.29
CA THR A 294 -12.63 -13.92 17.68
C THR A 294 -14.07 -14.00 18.17
N ASN A 295 -14.55 -15.22 18.40
CA ASN A 295 -15.83 -15.41 19.09
C ASN A 295 -15.80 -16.58 20.09
N GLU A 296 -16.68 -16.50 21.09
CA GLU A 296 -16.96 -17.62 21.98
C GLU A 296 -18.47 -17.81 21.97
N GLY A 297 -18.94 -18.83 21.26
CA GLY A 297 -20.36 -18.96 20.97
C GLY A 297 -20.85 -17.73 20.22
N THR A 298 -21.91 -17.11 20.74
CA THR A 298 -22.53 -15.94 20.08
C THR A 298 -21.87 -14.62 20.47
N VAL A 299 -20.93 -14.64 21.42
CA VAL A 299 -20.23 -13.44 21.84
C VAL A 299 -19.02 -13.20 20.91
N PHE A 300 -19.13 -12.17 20.09
CA PHE A 300 -18.12 -11.86 19.08
C PHE A 300 -17.26 -10.65 19.45
N THR A 301 -15.93 -10.85 19.39
CA THR A 301 -14.99 -9.75 19.61
C THR A 301 -14.62 -9.05 18.31
N PHE A 302 -14.87 -7.74 18.26
CA PHE A 302 -14.54 -6.93 17.10
C PHE A 302 -13.60 -5.79 17.50
N LYS A 303 -12.64 -5.49 16.62
CA LYS A 303 -11.95 -4.19 16.68
C LYS A 303 -12.84 -3.19 15.95
N THR A 304 -13.13 -2.07 16.61
CA THR A 304 -14.02 -1.06 16.04
C THR A 304 -13.46 0.35 16.18
N ASN A 305 -13.97 1.26 15.35
CA ASN A 305 -13.74 2.69 15.52
C ASN A 305 -15.02 3.46 15.81
N ARG A 306 -16.11 2.73 16.04
CA ARG A 306 -17.41 3.31 16.42
C ARG A 306 -17.26 4.09 17.73
N HIS A 307 -17.53 5.39 17.67
CA HIS A 307 -17.26 6.36 18.75
C HIS A 307 -15.84 6.28 19.32
N SER A 308 -14.92 5.69 18.59
CA SER A 308 -13.54 5.56 19.05
C SER A 308 -12.54 5.69 17.90
N PRO A 309 -12.25 6.93 17.53
CA PRO A 309 -11.30 7.21 16.44
C PRO A 309 -9.92 6.58 16.58
N ASN A 310 -9.48 6.31 17.81
CA ASN A 310 -8.21 5.59 18.04
C ASN A 310 -8.37 4.07 18.11
N TYR A 311 -9.60 3.60 17.97
CA TYR A 311 -9.95 2.18 17.89
C TYR A 311 -9.98 1.49 19.26
N ARG A 312 -10.87 0.50 19.37
CA ARG A 312 -11.03 -0.27 20.60
C ARG A 312 -11.64 -1.66 20.34
N LEU A 313 -11.74 -2.46 21.39
CA LEU A 313 -12.30 -3.80 21.28
C LEU A 313 -13.66 -3.90 21.98
N ILE A 314 -14.66 -4.33 21.22
CA ILE A 314 -16.00 -4.52 21.75
C ILE A 314 -16.47 -5.96 21.60
N ASN A 315 -17.36 -6.37 22.49
CA ASN A 315 -18.03 -7.66 22.41
C ASN A 315 -19.48 -7.46 22.05
N ILE A 316 -19.88 -8.05 20.93
CA ILE A 316 -21.27 -8.05 20.50
C ILE A 316 -21.82 -9.46 20.63
N ASP A 317 -22.89 -9.60 21.41
CA ASP A 317 -23.58 -10.88 21.52
C ASP A 317 -24.66 -10.92 20.46
N PHE A 318 -24.55 -11.90 19.55
CA PHE A 318 -25.54 -12.06 18.48
C PHE A 318 -26.97 -12.23 19.01
N THR A 319 -27.09 -12.79 20.21
CA THR A 319 -28.40 -12.99 20.85
C THR A 319 -28.85 -11.76 21.67
N ASP A 320 -27.98 -10.76 21.77
CA ASP A 320 -28.28 -9.50 22.44
C ASP A 320 -27.63 -8.33 21.67
N PRO A 321 -28.04 -8.14 20.41
CA PRO A 321 -27.25 -7.37 19.45
C PRO A 321 -27.28 -5.83 19.56
N GLU A 322 -28.17 -5.27 20.37
CA GLU A 322 -28.33 -3.81 20.46
C GLU A 322 -27.07 -3.14 21.00
N GLU A 323 -26.73 -1.98 20.42
CA GLU A 323 -25.50 -1.26 20.76
C GLU A 323 -25.37 -0.94 22.25
N SER A 324 -26.50 -0.59 22.87
CA SER A 324 -26.57 -0.34 24.31
C SER A 324 -26.11 -1.53 25.15
N LYS A 325 -26.14 -2.72 24.55
CA LYS A 325 -25.79 -3.95 25.26
C LYS A 325 -24.36 -4.42 25.00
N TRP A 326 -23.72 -3.83 23.98
CA TRP A 326 -22.33 -4.13 23.66
C TRP A 326 -21.42 -3.90 24.87
N LYS A 327 -20.42 -4.77 25.01
CA LYS A 327 -19.45 -4.66 26.10
C LYS A 327 -18.10 -4.19 25.59
N VAL A 328 -17.53 -3.21 26.26
CA VAL A 328 -16.23 -2.66 25.87
C VAL A 328 -15.11 -3.45 26.56
N LEU A 329 -14.48 -4.34 25.80
CA LEU A 329 -13.47 -5.24 26.33
C LEU A 329 -12.14 -4.53 26.59
N VAL A 330 -11.68 -3.78 25.59
CA VAL A 330 -10.47 -2.98 25.71
C VAL A 330 -10.81 -1.59 25.21
N PRO A 331 -11.09 -0.68 26.15
CA PRO A 331 -11.46 0.71 25.82
C PRO A 331 -10.43 1.43 24.96
N GLU A 332 -10.91 2.45 24.25
CA GLU A 332 -10.08 3.29 23.39
C GLU A 332 -8.99 3.99 24.20
N HIS A 333 -7.79 4.03 23.64
CA HIS A 333 -6.72 4.82 24.26
C HIS A 333 -6.88 6.29 23.92
N GLU A 334 -6.44 7.15 24.84
CA GLU A 334 -6.46 8.60 24.70
C GLU A 334 -5.75 9.09 23.43
N LYS A 335 -4.60 8.50 23.13
CA LYS A 335 -3.78 8.92 21.98
C LYS A 335 -3.36 7.76 21.08
N ASP A 336 -2.97 6.64 21.69
CA ASP A 336 -2.46 5.49 20.96
C ASP A 336 -3.51 4.79 20.09
N VAL A 337 -3.17 4.63 18.81
CA VAL A 337 -4.02 3.91 17.87
C VAL A 337 -3.83 2.41 18.06
N LEU A 338 -4.94 1.70 18.22
CA LEU A 338 -4.91 0.24 18.21
C LEU A 338 -4.91 -0.22 16.76
N GLU A 339 -3.73 -0.63 16.29
CA GLU A 339 -3.49 -0.92 14.89
C GLU A 339 -4.17 -2.21 14.41
N TRP A 340 -3.99 -3.28 15.17
CA TRP A 340 -4.59 -4.57 14.84
C TRP A 340 -4.59 -5.51 16.04
N VAL A 341 -5.47 -6.50 16.01
CA VAL A 341 -5.61 -7.47 17.10
C VAL A 341 -5.73 -8.88 16.55
N ALA A 342 -5.08 -9.83 17.22
CA ALA A 342 -5.17 -11.24 16.85
C ALA A 342 -5.44 -12.10 18.08
N CYS A 343 -6.20 -13.18 17.90
CA CYS A 343 -6.50 -14.11 18.98
C CYS A 343 -5.67 -15.39 18.82
N VAL A 344 -5.02 -15.79 19.90
CA VAL A 344 -4.09 -16.93 19.87
C VAL A 344 -4.21 -17.77 21.16
N ARG A 345 -3.84 -19.05 21.07
CA ARG A 345 -3.88 -19.98 22.21
C ARG A 345 -5.21 -19.94 22.96
N SER A 346 -6.29 -19.97 22.19
CA SER A 346 -7.68 -19.91 22.70
C SER A 346 -8.08 -18.57 23.32
N ASN A 347 -7.41 -18.19 24.41
CA ASN A 347 -7.86 -17.08 25.24
C ASN A 347 -6.86 -15.95 25.46
N PHE A 348 -5.89 -15.82 24.55
CA PHE A 348 -5.01 -14.66 24.55
C PHE A 348 -5.37 -13.72 23.40
N LEU A 349 -5.08 -12.44 23.60
CA LEU A 349 -5.18 -11.44 22.53
C LEU A 349 -3.86 -10.72 22.36
N VAL A 350 -3.42 -10.60 21.10
CA VAL A 350 -2.21 -9.85 20.79
C VAL A 350 -2.63 -8.50 20.20
N LEU A 351 -2.36 -7.41 20.94
CA LEU A 351 -2.72 -6.08 20.45
C LEU A 351 -1.48 -5.32 20.02
N CYS A 352 -1.57 -4.69 18.84
CA CYS A 352 -0.49 -3.85 18.34
C CYS A 352 -0.93 -2.39 18.37
N TYR A 353 -0.20 -1.58 19.14
CA TYR A 353 -0.50 -0.17 19.29
C TYR A 353 0.49 0.69 18.54
N LEU A 354 0.02 1.85 18.06
CA LEU A 354 0.90 2.85 17.48
C LEU A 354 0.99 4.04 18.45
N HIS A 355 2.14 4.18 19.10
CA HIS A 355 2.40 5.31 20.00
C HIS A 355 3.43 6.22 19.38
N ASP A 356 2.97 7.41 18.97
CA ASP A 356 3.82 8.41 18.31
C ASP A 356 4.58 7.83 17.12
N VAL A 357 3.86 7.12 16.26
CA VAL A 357 4.39 6.52 15.03
C VAL A 357 5.41 5.37 15.29
N LYS A 358 5.31 4.75 16.48
CA LYS A 358 6.12 3.58 16.82
C LYS A 358 5.23 2.48 17.38
N ASN A 359 5.57 1.22 17.10
CA ASN A 359 4.78 0.08 17.56
C ASN A 359 5.16 -0.45 18.94
N THR A 360 4.14 -0.77 19.72
CA THR A 360 4.28 -1.59 20.93
C THR A 360 3.35 -2.79 20.79
N LEU A 361 3.79 -3.96 21.24
CA LEU A 361 3.01 -5.19 21.11
C LEU A 361 2.72 -5.80 22.47
N GLN A 362 1.44 -6.07 22.72
CA GLN A 362 0.98 -6.49 24.06
C GLN A 362 0.15 -7.76 24.04
N LEU A 363 0.19 -8.50 25.14
CA LEU A 363 -0.64 -9.68 25.33
C LEU A 363 -1.72 -9.37 26.37
N HIS A 364 -2.97 -9.70 26.02
CA HIS A 364 -4.12 -9.43 26.86
C HIS A 364 -4.96 -10.69 27.08
N ASP A 365 -5.69 -10.72 28.19
CA ASP A 365 -6.64 -11.80 28.48
C ASP A 365 -7.93 -11.57 27.69
N LEU A 366 -8.42 -12.62 27.02
CA LEU A 366 -9.64 -12.51 26.21
C LEU A 366 -10.87 -12.20 27.06
N ALA A 367 -11.01 -12.91 28.18
CA ALA A 367 -12.17 -12.80 29.05
C ALA A 367 -12.37 -11.39 29.65
N THR A 368 -11.27 -10.78 30.10
CA THR A 368 -11.34 -9.47 30.79
C THR A 368 -10.76 -8.31 29.97
N GLY A 369 -9.84 -8.61 29.06
CA GLY A 369 -9.17 -7.58 28.30
C GLY A 369 -7.94 -7.01 29.00
N ALA A 370 -7.64 -7.54 30.19
CA ALA A 370 -6.52 -7.06 30.99
C ALA A 370 -5.15 -7.34 30.35
N LEU A 371 -4.28 -6.34 30.42
CA LEU A 371 -2.89 -6.47 29.97
C LEU A 371 -2.13 -7.49 30.80
N LEU A 372 -1.41 -8.39 30.13
CA LEU A 372 -0.66 -9.44 30.80
C LEU A 372 0.85 -9.32 30.62
N LYS A 373 1.26 -8.97 29.40
CA LYS A 373 2.68 -8.93 29.03
C LYS A 373 2.95 -7.95 27.90
N ILE A 374 3.98 -7.13 28.07
CA ILE A 374 4.53 -6.31 26.99
C ILE A 374 5.67 -7.07 26.33
N PHE A 375 5.61 -7.21 25.01
CA PHE A 375 6.71 -7.79 24.25
C PHE A 375 7.73 -6.70 23.96
N PRO A 376 8.93 -6.83 24.51
CA PRO A 376 9.92 -5.76 24.44
C PRO A 376 10.46 -5.56 23.02
N LEU A 377 10.34 -4.32 22.54
CA LEU A 377 10.83 -3.98 21.21
C LEU A 377 11.70 -2.74 21.29
N GLU A 378 12.50 -2.53 20.24
CA GLU A 378 13.17 -1.25 20.02
C GLU A 378 12.18 -0.34 19.30
N VAL A 379 12.59 0.90 19.01
CA VAL A 379 11.71 1.81 18.28
C VAL A 379 11.68 1.43 16.79
N GLY A 380 10.47 1.21 16.27
CA GLY A 380 10.27 0.77 14.91
C GLY A 380 8.87 0.22 14.66
N SER A 381 8.78 -0.77 13.78
CA SER A 381 7.49 -1.31 13.34
C SER A 381 7.38 -2.83 13.44
N VAL A 382 6.18 -3.31 13.70
CA VAL A 382 5.84 -4.71 13.54
C VAL A 382 5.20 -4.90 12.17
N VAL A 383 5.90 -5.57 11.25
CA VAL A 383 5.42 -5.73 9.87
C VAL A 383 4.97 -7.14 9.51
N GLY A 384 5.11 -8.06 10.47
CA GLY A 384 4.71 -9.44 10.27
C GLY A 384 4.20 -10.04 11.56
N TYR A 385 3.31 -11.02 11.44
CA TYR A 385 2.74 -11.70 12.60
C TYR A 385 2.15 -13.05 12.20
N SER A 386 2.29 -14.04 13.09
CA SER A 386 1.62 -15.32 12.94
C SER A 386 1.14 -15.84 14.27
N GLY A 387 -0.08 -16.39 14.29
CA GLY A 387 -0.66 -16.94 15.49
C GLY A 387 -2.16 -16.78 15.53
N GLN A 388 -2.87 -17.84 15.12
CA GLN A 388 -4.33 -17.84 15.18
C GLN A 388 -4.83 -18.60 16.42
N LYS A 389 -6.15 -18.76 16.54
CA LYS A 389 -6.75 -19.24 17.78
C LYS A 389 -6.22 -20.58 18.28
N LYS A 390 -6.10 -21.56 17.39
CA LYS A 390 -5.65 -22.90 17.77
C LYS A 390 -4.13 -22.99 18.01
N ASP A 391 -3.37 -22.03 17.50
CA ASP A 391 -1.93 -22.00 17.67
C ASP A 391 -1.55 -21.72 19.12
N THR A 392 -0.44 -22.31 19.56
CA THR A 392 0.01 -22.17 20.95
C THR A 392 1.31 -21.38 21.05
N GLU A 393 1.63 -20.65 19.98
CA GLU A 393 2.85 -19.86 19.89
C GLU A 393 2.64 -18.70 18.91
N ILE A 394 3.49 -17.68 19.02
CA ILE A 394 3.44 -16.56 18.09
C ILE A 394 4.80 -16.28 17.44
N PHE A 395 4.74 -15.81 16.21
CA PHE A 395 5.89 -15.24 15.53
C PHE A 395 5.54 -13.81 15.18
N TYR A 396 6.49 -12.89 15.35
CA TYR A 396 6.31 -11.50 14.93
C TYR A 396 7.60 -10.88 14.42
N GLN A 397 7.48 -10.11 13.34
CA GLN A 397 8.63 -9.52 12.66
C GLN A 397 8.74 -8.03 12.97
N PHE A 398 9.93 -7.60 13.37
CA PHE A 398 10.23 -6.21 13.67
C PHE A 398 11.16 -5.63 12.63
N THR A 399 10.91 -4.39 12.23
CA THR A 399 11.81 -3.64 11.35
C THR A 399 12.00 -2.19 11.80
N SER A 400 13.00 -1.52 11.24
CA SER A 400 13.29 -0.11 11.55
C SER A 400 14.19 0.49 10.47
N PHE A 401 14.47 1.79 10.57
CA PHE A 401 15.25 2.51 9.56
C PHE A 401 16.67 1.96 9.37
N LEU A 402 17.28 1.50 10.45
CA LEU A 402 18.69 1.13 10.42
C LEU A 402 18.92 -0.38 10.57
N SER A 403 17.85 -1.11 10.84
CA SER A 403 17.92 -2.56 11.03
C SER A 403 17.06 -3.30 10.01
N PRO A 404 17.67 -4.20 9.24
CA PRO A 404 16.93 -5.11 8.35
C PRO A 404 15.79 -5.80 9.10
N GLY A 405 16.05 -6.15 10.37
CA GLY A 405 14.99 -6.57 11.26
C GLY A 405 15.21 -7.90 11.95
N ILE A 406 14.21 -8.27 12.75
CA ILE A 406 14.26 -9.46 13.58
C ILE A 406 12.92 -10.15 13.60
N ILE A 407 12.94 -11.47 13.55
CA ILE A 407 11.74 -12.27 13.78
C ILE A 407 11.86 -12.92 15.15
N TYR A 408 10.85 -12.68 15.99
CA TYR A 408 10.81 -13.24 17.34
C TYR A 408 9.83 -14.41 17.42
N HIS A 409 10.17 -15.38 18.27
CA HIS A 409 9.27 -16.49 18.59
C HIS A 409 8.96 -16.46 20.08
N CYS A 410 7.71 -16.76 20.42
CA CYS A 410 7.31 -16.90 21.81
C CYS A 410 6.37 -18.08 22.03
N ASP A 411 6.82 -19.03 22.85
CA ASP A 411 6.03 -20.20 23.22
C ASP A 411 5.04 -19.79 24.31
N LEU A 412 3.75 -19.85 23.97
CA LEU A 412 2.70 -19.39 24.88
C LEU A 412 2.16 -20.49 25.81
N THR A 413 2.72 -21.69 25.71
CA THR A 413 2.38 -22.76 26.67
C THR A 413 3.17 -22.61 27.97
N LYS A 414 4.23 -21.81 27.92
CA LYS A 414 5.11 -21.61 29.08
C LYS A 414 4.50 -20.62 30.07
N GLU A 415 4.67 -20.92 31.36
CA GLU A 415 4.12 -20.09 32.44
C GLU A 415 4.63 -18.65 32.37
N GLU A 416 5.93 -18.52 32.16
CA GLU A 416 6.55 -17.20 32.03
C GLU A 416 7.00 -17.02 30.59
N LEU A 417 6.43 -16.03 29.92
CA LEU A 417 6.51 -15.90 28.47
C LEU A 417 7.83 -15.30 27.99
N GLU A 418 8.75 -16.18 27.57
CA GLU A 418 10.06 -15.76 27.07
C GLU A 418 10.07 -15.69 25.54
N PRO A 419 10.02 -14.48 25.00
CA PRO A 419 10.22 -14.29 23.56
C PRO A 419 11.70 -14.20 23.20
N ARG A 420 12.12 -15.00 22.21
CA ARG A 420 13.51 -15.02 21.78
C ARG A 420 13.67 -14.69 20.29
N VAL A 421 14.88 -14.26 19.93
CA VAL A 421 15.23 -14.03 18.54
C VAL A 421 15.23 -15.36 17.79
N PHE A 422 14.34 -15.47 16.80
CA PHE A 422 14.22 -16.66 15.99
C PHE A 422 15.05 -16.50 14.71
N ARG A 423 15.03 -15.29 14.16
CA ARG A 423 15.77 -14.96 12.94
C ARG A 423 16.28 -13.52 12.94
N GLU A 424 17.50 -13.35 12.46
CA GLU A 424 18.13 -12.04 12.37
C GLU A 424 19.05 -11.95 11.16
N VAL A 425 19.03 -10.79 10.50
CA VAL A 425 19.90 -10.52 9.37
C VAL A 425 20.60 -9.17 9.51
N THR A 426 21.87 -9.11 9.13
CA THR A 426 22.64 -7.88 9.15
C THR A 426 23.23 -7.63 7.76
N VAL A 427 22.97 -6.43 7.23
CA VAL A 427 23.54 -6.02 5.94
C VAL A 427 24.97 -5.54 6.16
N LYS A 428 25.92 -6.29 5.61
CA LYS A 428 27.33 -5.94 5.67
C LYS A 428 27.59 -4.70 4.83
N GLY A 429 28.50 -3.84 5.30
CA GLY A 429 28.84 -2.61 4.60
C GLY A 429 28.03 -1.41 5.05
N ILE A 430 26.92 -1.66 5.75
CA ILE A 430 26.10 -0.60 6.30
C ILE A 430 26.13 -0.61 7.84
N ASP A 431 27.07 0.14 8.40
CA ASP A 431 27.25 0.24 9.85
C ASP A 431 26.14 1.10 10.47
N ALA A 432 25.14 0.44 11.04
CA ALA A 432 23.98 1.10 11.64
C ALA A 432 24.36 2.06 12.78
N SER A 433 25.49 1.80 13.43
CA SER A 433 25.98 2.63 14.53
C SER A 433 26.49 4.00 14.05
N ASP A 434 26.72 4.14 12.75
CA ASP A 434 27.18 5.40 12.17
C ASP A 434 26.05 6.42 12.01
N TYR A 435 24.81 5.95 12.15
CA TYR A 435 23.63 6.76 11.88
C TYR A 435 22.70 6.84 13.07
N GLN A 436 21.86 7.87 13.08
CA GLN A 436 20.82 8.02 14.10
C GLN A 436 19.47 8.39 13.53
N THR A 437 18.43 7.98 14.25
CA THR A 437 17.06 8.29 13.91
C THR A 437 16.49 9.21 14.98
N VAL A 438 16.09 10.42 14.59
CA VAL A 438 15.41 11.32 15.52
C VAL A 438 13.96 11.53 15.08
N GLN A 439 13.09 11.76 16.05
CA GLN A 439 11.72 12.17 15.77
C GLN A 439 11.50 13.58 16.30
N ILE A 440 11.03 14.46 15.43
CA ILE A 440 10.65 15.81 15.82
C ILE A 440 9.19 16.07 15.52
N PHE A 441 8.68 17.17 16.06
CA PHE A 441 7.31 17.60 15.82
C PHE A 441 7.32 19.06 15.38
N TYR A 442 7.02 19.28 14.10
CA TYR A 442 7.03 20.63 13.54
C TYR A 442 5.60 21.19 13.47
N PRO A 443 5.44 22.49 13.71
CA PRO A 443 4.12 23.12 13.58
C PRO A 443 3.76 23.37 12.12
N SER A 444 2.56 22.96 11.74
CA SER A 444 2.03 23.21 10.40
C SER A 444 1.41 24.61 10.33
N LYS A 445 0.99 25.01 9.13
CA LYS A 445 0.38 26.32 8.89
C LYS A 445 -0.65 26.72 9.96
N ASP A 446 -1.52 25.79 10.34
CA ASP A 446 -2.60 26.06 11.29
C ASP A 446 -2.23 25.81 12.76
N GLY A 447 -0.94 25.54 13.02
CA GLY A 447 -0.45 25.35 14.38
C GLY A 447 -0.38 23.91 14.84
N THR A 448 -0.94 23.00 14.06
CA THR A 448 -0.93 21.56 14.36
C THR A 448 0.49 21.00 14.34
N LYS A 449 0.83 20.20 15.35
CA LYS A 449 2.15 19.57 15.43
C LYS A 449 2.20 18.26 14.65
N ILE A 450 3.11 18.18 13.70
CA ILE A 450 3.25 17.02 12.82
C ILE A 450 4.54 16.25 13.12
N PRO A 451 4.43 14.92 13.25
CA PRO A 451 5.62 14.08 13.44
C PRO A 451 6.45 13.91 12.17
N MET A 452 7.77 13.98 12.31
CA MET A 452 8.70 13.69 11.22
C MET A 452 9.92 12.92 11.72
N PHE A 453 10.27 11.86 10.99
CA PHE A 453 11.47 11.08 11.26
C PHE A 453 12.60 11.61 10.40
N ILE A 454 13.77 11.79 11.02
CA ILE A 454 14.97 12.19 10.29
C ILE A 454 16.10 11.18 10.54
N VAL A 455 16.65 10.66 9.46
CA VAL A 455 17.78 9.73 9.51
C VAL A 455 18.96 10.36 8.80
N HIS A 456 20.07 10.50 9.51
CA HIS A 456 21.29 11.10 8.99
C HIS A 456 22.55 10.47 9.60
N LYS A 457 23.71 10.76 9.00
CA LYS A 457 24.99 10.39 9.59
C LYS A 457 25.19 11.14 10.89
N LYS A 458 25.68 10.44 11.91
CA LYS A 458 25.98 11.04 13.21
C LYS A 458 27.05 12.11 13.09
N GLY A 459 26.82 13.25 13.73
CA GLY A 459 27.82 14.30 13.83
C GLY A 459 27.84 15.33 12.71
N ILE A 460 26.87 15.29 11.81
CA ILE A 460 26.80 16.24 10.69
C ILE A 460 26.56 17.68 11.16
N LYS A 461 27.10 18.65 10.41
CA LYS A 461 26.88 20.06 10.70
C LYS A 461 25.60 20.49 10.01
N LEU A 462 24.67 21.05 10.79
CA LEU A 462 23.40 21.53 10.26
C LEU A 462 23.55 22.90 9.62
N ASP A 463 24.31 22.94 8.52
CA ASP A 463 24.61 24.19 7.80
C ASP A 463 23.87 24.30 6.46
N GLY A 464 22.93 23.38 6.25
CA GLY A 464 22.09 23.38 5.05
C GLY A 464 22.77 22.92 3.77
N SER A 465 23.85 22.15 3.91
CA SER A 465 24.69 21.77 2.77
C SER A 465 24.39 20.37 2.22
N HIS A 466 23.64 19.59 2.97
CA HIS A 466 23.36 18.20 2.62
C HIS A 466 22.15 18.07 1.70
N PRO A 467 22.24 17.18 0.71
CA PRO A 467 21.06 16.84 -0.10
C PRO A 467 20.06 16.05 0.75
N ALA A 468 18.77 16.27 0.52
CA ALA A 468 17.76 15.64 1.35
C ALA A 468 16.66 14.94 0.54
N PHE A 469 16.15 13.85 1.11
CA PHE A 469 15.11 13.05 0.49
C PHE A 469 13.93 12.97 1.44
N LEU A 470 12.88 13.74 1.16
CA LEU A 470 11.71 13.79 2.03
C LEU A 470 10.53 13.02 1.43
N TYR A 471 10.04 12.05 2.19
CA TYR A 471 8.96 11.16 1.76
C TYR A 471 7.67 11.46 2.53
N GLY A 472 6.55 11.34 1.83
CA GLY A 472 5.24 11.50 2.43
C GLY A 472 4.16 10.78 1.64
N TYR A 473 3.02 10.55 2.29
CA TYR A 473 1.86 9.93 1.66
C TYR A 473 0.61 10.76 1.97
N GLY A 474 0.10 10.64 3.18
CA GLY A 474 -0.99 11.49 3.65
C GLY A 474 -2.34 11.18 3.03
N GLY A 475 -2.93 10.07 3.45
CA GLY A 475 -4.24 9.70 2.97
C GLY A 475 -4.64 8.30 3.39
N PHE A 476 -5.93 8.02 3.24
CA PHE A 476 -6.49 6.67 3.33
C PHE A 476 -6.21 5.93 4.65
N ASN A 477 -5.99 6.70 5.72
CA ASN A 477 -5.80 6.13 7.06
C ASN A 477 -4.52 5.27 7.15
N ILE A 478 -3.59 5.53 6.24
CA ILE A 478 -2.33 4.78 6.18
C ILE A 478 -1.25 5.45 7.03
N SER A 479 -0.61 4.66 7.89
CA SER A 479 0.44 5.17 8.78
C SER A 479 1.83 4.85 8.22
N ILE A 480 2.62 5.90 7.97
CA ILE A 480 3.97 5.73 7.46
C ILE A 480 4.95 5.55 8.61
N THR A 481 5.15 4.29 8.98
CA THR A 481 5.94 3.90 10.14
C THR A 481 7.34 3.49 9.69
N PRO A 482 8.31 3.49 10.62
CA PRO A 482 9.70 3.13 10.30
C PRO A 482 9.86 1.81 9.57
N ASN A 483 10.72 1.82 8.55
CA ASN A 483 10.92 0.67 7.67
C ASN A 483 12.35 0.62 7.17
N TYR A 484 12.85 -0.59 6.92
CA TYR A 484 14.21 -0.75 6.40
C TYR A 484 14.28 -0.60 4.89
N SER A 485 14.96 0.46 4.45
CA SER A 485 15.16 0.71 3.03
C SER A 485 16.63 0.90 2.69
N VAL A 486 17.24 -0.14 2.11
CA VAL A 486 18.63 -0.12 1.67
C VAL A 486 18.84 0.99 0.63
N SER A 487 17.88 1.11 -0.28
CA SER A 487 17.91 2.13 -1.33
C SER A 487 18.09 3.54 -0.75
N ARG A 488 17.33 3.84 0.28
CA ARG A 488 17.39 5.16 0.93
C ARG A 488 18.65 5.32 1.78
N LEU A 489 19.18 4.21 2.28
CA LEU A 489 20.41 4.22 3.07
C LEU A 489 21.65 4.45 2.22
N ILE A 490 21.66 3.92 1.00
CA ILE A 490 22.74 4.19 0.05
C ILE A 490 22.80 5.69 -0.25
N PHE A 491 21.63 6.32 -0.34
CA PHE A 491 21.54 7.77 -0.52
C PHE A 491 22.22 8.52 0.61
N VAL A 492 22.07 8.01 1.84
CA VAL A 492 22.71 8.61 3.02
C VAL A 492 24.22 8.38 3.00
N ARG A 493 24.62 7.11 2.81
CA ARG A 493 26.02 6.70 2.93
C ARG A 493 26.88 7.10 1.73
N HIS A 494 26.33 6.94 0.52
CA HIS A 494 27.12 7.09 -0.70
C HIS A 494 26.79 8.33 -1.53
N MET A 495 25.80 9.09 -1.06
CA MET A 495 25.46 10.36 -1.69
C MET A 495 25.38 11.48 -0.65
N GLY A 496 25.74 11.14 0.60
CA GLY A 496 25.84 12.11 1.69
C GLY A 496 24.51 12.71 2.10
N GLY A 497 23.42 11.99 1.84
CA GLY A 497 22.09 12.54 1.99
C GLY A 497 21.43 12.43 3.35
N VAL A 498 20.52 13.35 3.61
CA VAL A 498 19.62 13.28 4.77
C VAL A 498 18.27 12.72 4.31
N LEU A 499 17.75 11.77 5.06
CA LEU A 499 16.47 11.14 4.74
C LEU A 499 15.39 11.61 5.73
N ALA A 500 14.20 11.92 5.21
CA ALA A 500 13.12 12.43 6.04
C ALA A 500 11.74 11.87 5.65
N VAL A 501 10.95 11.53 6.67
CA VAL A 501 9.59 11.01 6.48
C VAL A 501 8.63 11.81 7.36
N ALA A 502 7.68 12.50 6.74
CA ALA A 502 6.71 13.33 7.45
C ALA A 502 5.36 12.65 7.56
N ASN A 503 4.88 12.49 8.79
CA ASN A 503 3.59 11.85 9.05
C ASN A 503 2.44 12.84 8.99
N ILE A 504 2.23 13.39 7.79
CA ILE A 504 1.23 14.42 7.54
C ILE A 504 -0.20 13.88 7.66
N ARG A 505 -1.15 14.80 7.86
CA ARG A 505 -2.56 14.46 8.05
C ARG A 505 -3.14 13.75 6.81
N GLY A 506 -4.19 12.97 7.05
CA GLY A 506 -4.74 12.10 6.02
C GLY A 506 -4.40 10.65 6.34
N GLY A 507 -3.24 10.45 6.97
CA GLY A 507 -2.83 9.12 7.42
C GLY A 507 -3.56 8.71 8.69
N GLY A 508 -3.18 7.56 9.24
CA GLY A 508 -3.84 7.04 10.42
C GLY A 508 -3.00 7.11 11.69
N GLU A 509 -1.95 7.91 11.66
CA GLU A 509 -0.96 8.00 12.74
C GLU A 509 -1.58 8.34 14.08
N TYR A 510 -2.52 9.29 14.08
CA TYR A 510 -3.28 9.60 15.29
C TYR A 510 -4.78 9.37 15.10
N GLY A 511 -5.10 8.21 14.51
CA GLY A 511 -6.48 7.75 14.40
C GLY A 511 -7.28 8.39 13.29
N GLU A 512 -8.60 8.23 13.37
CA GLU A 512 -9.53 8.68 12.34
C GLU A 512 -9.63 10.20 12.25
N THR A 513 -9.40 10.91 13.36
CA THR A 513 -9.38 12.37 13.34
C THR A 513 -8.16 12.92 12.58
N TRP A 514 -7.08 12.15 12.57
CA TRP A 514 -5.90 12.44 11.75
C TRP A 514 -6.20 12.20 10.28
N HIS A 515 -6.90 11.09 10.00
CA HIS A 515 -7.39 10.79 8.66
C HIS A 515 -8.31 11.89 8.13
N LYS A 516 -9.29 12.29 8.94
CA LYS A 516 -10.25 13.32 8.54
C LYS A 516 -9.59 14.68 8.32
N GLY A 517 -8.45 14.89 8.98
CA GLY A 517 -7.70 16.13 8.89
C GLY A 517 -7.07 16.41 7.53
N GLY A 518 -6.96 15.38 6.69
CA GLY A 518 -6.38 15.54 5.37
C GLY A 518 -7.17 14.86 4.26
N ILE A 519 -8.50 15.01 4.30
CA ILE A 519 -9.37 14.47 3.26
C ILE A 519 -10.46 15.47 2.92
N LEU A 520 -11.11 15.25 1.78
CA LEU A 520 -12.29 16.01 1.37
C LEU A 520 -11.96 17.50 1.29
N ALA A 521 -12.70 18.33 2.05
CA ALA A 521 -12.42 19.78 2.09
C ALA A 521 -11.07 20.11 2.74
N ASN A 522 -10.59 19.21 3.60
CA ASN A 522 -9.34 19.42 4.34
C ASN A 522 -8.10 18.84 3.65
N LYS A 523 -8.26 18.35 2.43
CA LYS A 523 -7.15 17.75 1.67
C LYS A 523 -5.93 18.67 1.56
N GLN A 524 -6.17 19.97 1.44
CA GLN A 524 -5.09 20.96 1.34
C GLN A 524 -4.16 20.92 2.55
N ASN A 525 -4.68 20.51 3.70
CA ASN A 525 -3.87 20.30 4.90
C ASN A 525 -2.67 19.40 4.66
N CYS A 526 -2.85 18.34 3.86
CA CYS A 526 -1.76 17.44 3.51
C CYS A 526 -0.61 18.18 2.87
N PHE A 527 -0.94 19.00 1.87
CA PHE A 527 0.05 19.75 1.11
C PHE A 527 0.72 20.80 1.98
N ASP A 528 -0.08 21.44 2.85
CA ASP A 528 0.41 22.40 3.82
C ASP A 528 1.39 21.74 4.80
N ASP A 529 1.01 20.58 5.33
CA ASP A 529 1.86 19.81 6.24
C ASP A 529 3.19 19.43 5.59
N PHE A 530 3.13 18.96 4.35
CA PHE A 530 4.32 18.51 3.63
C PHE A 530 5.27 19.66 3.28
N GLN A 531 4.69 20.80 2.89
CA GLN A 531 5.46 22.00 2.58
C GLN A 531 6.16 22.53 3.83
N CYS A 532 5.47 22.43 4.98
CA CYS A 532 6.02 22.85 6.26
C CYS A 532 7.14 21.93 6.75
N ALA A 533 7.05 20.66 6.40
CA ALA A 533 8.14 19.71 6.65
C ALA A 533 9.38 20.15 5.90
N ALA A 534 9.20 20.48 4.62
CA ALA A 534 10.30 20.98 3.77
C ALA A 534 10.95 22.23 4.37
N GLU A 535 10.12 23.19 4.80
CA GLU A 535 10.61 24.46 5.34
C GLU A 535 11.38 24.24 6.65
N TYR A 536 10.90 23.29 7.46
CA TYR A 536 11.56 22.93 8.72
C TYR A 536 12.97 22.37 8.48
N LEU A 537 13.09 21.46 7.53
CA LEU A 537 14.39 20.88 7.18
C LEU A 537 15.36 21.94 6.67
N ILE A 538 14.81 22.97 6.03
CA ILE A 538 15.60 24.10 5.53
C ILE A 538 16.00 25.04 6.67
N LYS A 539 15.02 25.43 7.49
CA LYS A 539 15.23 26.36 8.60
C LYS A 539 16.22 25.80 9.62
N GLU A 540 16.10 24.50 9.91
CA GLU A 540 16.97 23.83 10.87
C GLU A 540 18.35 23.50 10.29
N GLY A 541 18.51 23.73 8.99
CA GLY A 541 19.79 23.57 8.33
C GLY A 541 20.15 22.14 7.95
N TYR A 542 19.15 21.28 7.80
CA TYR A 542 19.39 19.94 7.30
C TYR A 542 19.70 19.97 5.80
N THR A 543 19.11 20.95 5.12
CA THR A 543 19.22 21.05 3.67
C THR A 543 18.87 22.46 3.15
N SER A 544 18.98 22.63 1.85
CA SER A 544 18.54 23.85 1.17
C SER A 544 17.55 23.47 0.06
N PRO A 545 16.74 24.42 -0.41
CA PRO A 545 15.71 24.12 -1.43
C PRO A 545 16.29 23.48 -2.68
N LYS A 546 17.45 23.93 -3.13
CA LYS A 546 18.10 23.41 -4.33
C LYS A 546 18.68 22.00 -4.14
N ARG A 547 18.76 21.55 -2.88
CA ARG A 547 19.31 20.24 -2.57
C ARG A 547 18.23 19.25 -2.11
N LEU A 548 16.98 19.70 -2.10
CA LEU A 548 15.89 18.88 -1.57
C LEU A 548 15.09 18.16 -2.64
N THR A 549 14.97 16.84 -2.46
CA THR A 549 14.13 15.98 -3.29
C THR A 549 12.93 15.51 -2.48
N ILE A 550 11.74 15.64 -3.07
CA ILE A 550 10.53 15.07 -2.46
C ILE A 550 10.00 13.90 -3.27
N ASN A 551 9.44 12.93 -2.56
CA ASN A 551 9.02 11.68 -3.14
C ASN A 551 7.74 11.16 -2.50
N GLY A 552 6.89 10.55 -3.32
CA GLY A 552 5.65 9.93 -2.88
C GLY A 552 5.08 9.04 -3.96
N GLY A 553 4.31 8.04 -3.55
CA GLY A 553 3.72 7.09 -4.49
C GLY A 553 2.21 7.09 -4.44
N ALA A 554 1.59 7.11 -5.61
CA ALA A 554 0.13 7.07 -5.80
C ALA A 554 -0.60 8.29 -5.23
N ASN A 555 -1.23 8.14 -4.07
CA ASN A 555 -1.75 9.28 -3.33
C ASN A 555 -0.60 10.21 -2.91
N GLY A 556 0.58 9.62 -2.69
CA GLY A 556 1.79 10.37 -2.39
C GLY A 556 2.36 11.01 -3.63
N GLY A 557 2.04 10.47 -4.80
CA GLY A 557 2.41 11.04 -6.08
C GLY A 557 1.63 12.32 -6.32
N LEU A 558 0.33 12.25 -6.01
CA LEU A 558 -0.53 13.43 -5.96
C LEU A 558 0.06 14.47 -5.00
N LEU A 559 0.57 14.01 -3.87
CA LEU A 559 1.14 14.90 -2.86
C LEU A 559 2.30 15.75 -3.40
N VAL A 560 3.32 15.10 -3.95
CA VAL A 560 4.53 15.80 -4.40
C VAL A 560 4.33 16.63 -5.69
N ALA A 561 3.40 16.19 -6.53
CA ALA A 561 3.05 16.90 -7.76
C ALA A 561 2.31 18.20 -7.45
N THR A 562 1.40 18.14 -6.48
CA THR A 562 0.67 19.31 -6.03
C THR A 562 1.63 20.31 -5.36
N CYS A 563 2.51 19.81 -4.50
CA CYS A 563 3.51 20.65 -3.84
C CYS A 563 4.48 21.30 -4.83
N ALA A 564 4.73 20.61 -5.95
CA ALA A 564 5.53 21.15 -7.04
C ALA A 564 4.84 22.36 -7.68
N ASN A 565 3.55 22.21 -7.97
CA ASN A 565 2.73 23.29 -8.51
C ASN A 565 2.62 24.48 -7.54
N GLN A 566 2.41 24.18 -6.26
CA GLN A 566 2.11 25.19 -5.26
C GLN A 566 3.35 25.91 -4.71
N ARG A 567 4.45 25.16 -4.55
CA ARG A 567 5.70 25.75 -4.06
C ARG A 567 6.92 25.26 -4.86
N PRO A 568 7.05 25.67 -6.12
CA PRO A 568 8.20 25.26 -6.94
C PRO A 568 9.54 25.75 -6.38
N ASP A 569 9.53 26.89 -5.68
CA ASP A 569 10.72 27.49 -5.08
C ASP A 569 11.34 26.65 -3.95
N LEU A 570 10.60 25.65 -3.48
CA LEU A 570 10.92 24.95 -2.25
C LEU A 570 11.71 23.64 -2.47
N PHE A 571 11.74 23.18 -3.71
CA PHE A 571 12.32 21.88 -4.05
C PHE A 571 13.24 21.95 -5.26
N GLY A 572 14.33 21.19 -5.22
CA GLY A 572 15.23 21.07 -6.35
C GLY A 572 14.80 19.93 -7.28
N CYS A 573 14.20 18.91 -6.69
CA CYS A 573 13.88 17.68 -7.40
C CYS A 573 12.62 17.02 -6.85
N VAL A 574 11.81 16.46 -7.74
CA VAL A 574 10.54 15.82 -7.37
C VAL A 574 10.41 14.49 -8.12
N ILE A 575 10.24 13.40 -7.38
CA ILE A 575 9.96 12.10 -7.99
C ILE A 575 8.56 11.61 -7.61
N ALA A 576 7.67 11.57 -8.59
CA ALA A 576 6.29 11.14 -8.36
C ALA A 576 6.07 9.77 -8.98
N GLN A 577 5.83 8.78 -8.13
CA GLN A 577 5.57 7.42 -8.61
C GLN A 577 4.07 7.15 -8.71
N VAL A 578 3.67 6.56 -9.84
CA VAL A 578 2.29 6.09 -10.09
C VAL A 578 1.19 7.00 -9.51
N GLY A 579 1.33 8.30 -9.76
CA GLY A 579 0.53 9.31 -9.10
C GLY A 579 -0.87 9.50 -9.66
N VAL A 580 -1.77 9.91 -8.79
CA VAL A 580 -3.11 10.31 -9.21
C VAL A 580 -3.04 11.80 -9.52
N MET A 581 -3.06 12.12 -10.81
CA MET A 581 -2.81 13.48 -11.28
C MET A 581 -4.06 14.20 -11.79
N ASP A 582 -5.01 13.44 -12.33
CA ASP A 582 -6.28 13.99 -12.81
C ASP A 582 -7.35 13.78 -11.75
N MET A 583 -7.48 14.77 -10.87
CA MET A 583 -8.44 14.70 -9.76
C MET A 583 -9.88 14.87 -10.22
N LEU A 584 -10.05 15.30 -11.47
CA LEU A 584 -11.38 15.50 -12.04
C LEU A 584 -11.93 14.22 -12.65
N LYS A 585 -11.05 13.39 -13.21
CA LYS A 585 -11.47 12.18 -13.92
C LYS A 585 -11.12 10.85 -13.22
N PHE A 586 -10.38 10.91 -12.12
CA PHE A 586 -9.87 9.71 -11.42
C PHE A 586 -10.92 8.62 -11.16
N HIS A 587 -12.14 9.03 -10.82
CA HIS A 587 -13.19 8.11 -10.41
C HIS A 587 -13.75 7.26 -11.55
N LYS A 588 -13.40 7.61 -12.78
CA LYS A 588 -13.97 6.98 -13.97
C LYS A 588 -13.33 5.64 -14.30
N TYR A 589 -12.12 5.40 -13.80
CA TYR A 589 -11.31 4.27 -14.26
C TYR A 589 -11.05 3.20 -13.20
N THR A 590 -11.11 1.95 -13.64
CA THR A 590 -10.87 0.76 -12.79
C THR A 590 -11.49 0.86 -11.40
N ILE A 591 -10.67 0.97 -10.37
CA ILE A 591 -11.16 1.03 -9.00
C ILE A 591 -11.19 2.47 -8.44
N GLY A 592 -10.80 3.43 -9.29
CA GLY A 592 -10.75 4.83 -8.91
C GLY A 592 -11.97 5.38 -8.17
N HIS A 593 -13.15 4.82 -8.46
CA HIS A 593 -14.40 5.25 -7.84
C HIS A 593 -14.43 5.06 -6.31
N ALA A 594 -13.58 4.16 -5.82
CA ALA A 594 -13.49 3.89 -4.38
C ALA A 594 -12.73 4.97 -3.60
N TRP A 595 -11.99 5.83 -4.31
CA TRP A 595 -11.16 6.84 -3.64
C TRP A 595 -11.90 8.14 -3.27
N THR A 596 -13.17 8.23 -3.67
CA THR A 596 -13.98 9.44 -3.43
C THR A 596 -14.27 9.71 -1.96
N THR A 597 -14.03 8.72 -1.10
CA THR A 597 -14.22 8.92 0.34
C THR A 597 -13.07 9.77 0.92
N ASP A 598 -11.95 9.80 0.21
CA ASP A 598 -10.81 10.62 0.60
C ASP A 598 -10.81 11.94 -0.17
N TYR A 599 -11.11 11.88 -1.46
CA TYR A 599 -10.94 13.02 -2.35
C TYR A 599 -12.23 13.80 -2.61
N GLY A 600 -13.35 13.09 -2.65
CA GLY A 600 -14.59 13.63 -3.19
C GLY A 600 -14.70 13.23 -4.66
N CYS A 601 -15.76 13.69 -5.32
CA CYS A 601 -16.03 13.36 -6.71
C CYS A 601 -16.48 14.60 -7.48
N SER A 602 -15.88 14.83 -8.65
CA SER A 602 -16.18 16.03 -9.45
C SER A 602 -17.64 16.14 -9.94
N ASP A 603 -18.40 15.05 -9.82
CA ASP A 603 -19.84 15.05 -10.11
C ASP A 603 -20.60 16.06 -9.25
N SER A 604 -20.11 16.28 -8.03
CA SER A 604 -20.70 17.26 -7.12
C SER A 604 -19.95 18.59 -7.23
N LYS A 605 -20.72 19.68 -7.20
CA LYS A 605 -20.17 21.03 -7.33
C LYS A 605 -19.24 21.38 -6.17
N GLN A 606 -19.68 21.05 -4.96
CA GLN A 606 -18.87 21.28 -3.76
C GLN A 606 -17.50 20.62 -3.89
N HIS A 607 -17.52 19.34 -4.26
CA HIS A 607 -16.29 18.56 -4.37
C HIS A 607 -15.40 19.08 -5.49
N PHE A 608 -16.00 19.41 -6.63
CA PHE A 608 -15.27 20.00 -7.76
C PHE A 608 -14.53 21.27 -7.34
N GLU A 609 -15.13 22.07 -6.47
CA GLU A 609 -14.51 23.30 -5.99
C GLU A 609 -13.25 23.02 -5.16
N TRP A 610 -13.25 21.92 -4.41
CA TRP A 610 -12.04 21.47 -3.71
C TRP A 610 -10.99 21.04 -4.72
N LEU A 611 -11.41 20.14 -5.63
CA LEU A 611 -10.49 19.40 -6.49
C LEU A 611 -9.75 20.27 -7.49
N ILE A 612 -10.45 21.22 -8.11
CA ILE A 612 -9.83 22.10 -9.11
C ILE A 612 -8.67 22.93 -8.55
N LYS A 613 -8.75 23.23 -7.26
CA LYS A 613 -7.75 24.05 -6.57
C LYS A 613 -6.39 23.37 -6.39
N TYR A 614 -6.37 22.04 -6.39
CA TYR A 614 -5.12 21.32 -6.16
C TYR A 614 -4.78 20.23 -7.19
N SER A 615 -5.77 19.79 -7.97
CA SER A 615 -5.54 18.80 -9.02
C SER A 615 -4.28 19.11 -9.83
N PRO A 616 -3.26 18.23 -9.73
CA PRO A 616 -1.98 18.46 -10.40
C PRO A 616 -2.12 18.77 -11.88
N LEU A 617 -2.97 18.03 -12.59
CA LEU A 617 -3.18 18.21 -14.03
C LEU A 617 -3.71 19.60 -14.39
N HIS A 618 -4.48 20.19 -13.49
CA HIS A 618 -5.17 21.45 -13.81
C HIS A 618 -4.56 22.65 -13.11
N ASN A 619 -3.36 22.48 -12.55
CA ASN A 619 -2.69 23.56 -11.85
C ASN A 619 -1.23 23.74 -12.24
N VAL A 620 -0.88 23.25 -13.42
CA VAL A 620 0.43 23.50 -14.00
C VAL A 620 0.46 24.96 -14.45
N LYS A 621 1.32 25.75 -13.82
CA LYS A 621 1.33 27.19 -14.03
C LYS A 621 2.74 27.75 -13.91
N LEU A 622 3.15 28.49 -14.93
CA LEU A 622 4.44 29.17 -14.94
C LEU A 622 4.59 30.08 -13.73
N PRO A 623 5.62 29.87 -12.92
CA PRO A 623 5.86 30.67 -11.72
C PRO A 623 5.97 32.16 -12.04
N GLU A 624 5.32 33.00 -11.26
CA GLU A 624 5.28 34.44 -11.50
C GLU A 624 6.68 35.04 -11.52
N ALA A 625 7.47 34.73 -10.50
CA ALA A 625 8.82 35.28 -10.33
C ALA A 625 9.79 34.78 -11.40
N ASP A 626 10.65 35.68 -11.87
CA ASP A 626 11.59 35.40 -12.94
C ASP A 626 12.75 34.49 -12.51
N ASP A 627 13.07 34.52 -11.22
CA ASP A 627 14.17 33.73 -10.67
C ASP A 627 13.75 32.31 -10.26
N ILE A 628 12.47 31.97 -10.49
CA ILE A 628 11.92 30.69 -10.06
C ILE A 628 11.37 29.86 -11.22
N GLN A 629 11.88 28.64 -11.32
CA GLN A 629 11.38 27.66 -12.28
C GLN A 629 10.83 26.43 -11.55
N TYR A 630 10.23 25.52 -12.31
CA TYR A 630 9.79 24.24 -11.77
C TYR A 630 11.00 23.40 -11.41
N PRO A 631 10.90 22.62 -10.32
CA PRO A 631 11.94 21.65 -9.97
C PRO A 631 12.12 20.61 -11.06
N SER A 632 13.23 19.87 -11.01
CA SER A 632 13.43 18.72 -11.86
C SER A 632 12.38 17.68 -11.49
N MET A 633 11.73 17.11 -12.50
CA MET A 633 10.61 16.21 -12.25
C MET A 633 10.72 14.90 -13.02
N LEU A 634 10.59 13.80 -12.30
CA LEU A 634 10.54 12.47 -12.90
C LEU A 634 9.28 11.74 -12.45
N LEU A 635 8.42 11.40 -13.41
CA LEU A 635 7.25 10.60 -13.15
C LEU A 635 7.52 9.16 -13.52
N LEU A 636 7.19 8.24 -12.61
CA LEU A 636 7.38 6.81 -12.87
C LEU A 636 6.05 6.09 -12.87
N THR A 637 5.77 5.39 -13.96
CA THR A 637 4.56 4.57 -14.06
C THR A 637 4.84 3.33 -14.92
N ALA A 638 3.83 2.50 -15.10
CA ALA A 638 3.98 1.26 -15.87
C ALA A 638 2.67 0.92 -16.57
N ASP A 639 2.77 0.17 -17.67
CA ASP A 639 1.66 -0.04 -18.60
C ASP A 639 0.57 -1.02 -18.10
N HIS A 640 0.84 -1.70 -16.99
CA HIS A 640 -0.13 -2.60 -16.38
C HIS A 640 -0.58 -2.09 -15.01
N ASP A 641 -0.37 -0.80 -14.76
CA ASP A 641 -0.87 -0.20 -13.52
C ASP A 641 -2.35 0.07 -13.67
N ASP A 642 -3.16 -0.91 -13.25
CA ASP A 642 -4.61 -0.79 -13.29
C ASP A 642 -5.19 -0.34 -11.94
N ARG A 643 -4.32 0.00 -11.00
CA ARG A 643 -4.75 0.65 -9.77
C ARG A 643 -4.88 2.15 -10.04
N VAL A 644 -3.77 2.77 -10.39
CA VAL A 644 -3.76 4.16 -10.86
C VAL A 644 -3.42 4.13 -12.35
N VAL A 645 -4.44 4.24 -13.19
CA VAL A 645 -4.27 4.15 -14.63
C VAL A 645 -3.19 5.12 -15.11
N PRO A 646 -2.28 4.63 -15.95
CA PRO A 646 -1.08 5.39 -16.33
C PRO A 646 -1.38 6.71 -17.04
N LEU A 647 -2.58 6.82 -17.63
CA LEU A 647 -3.02 8.06 -18.30
C LEU A 647 -2.89 9.30 -17.41
N HIS A 648 -3.00 9.10 -16.09
CA HIS A 648 -2.80 10.17 -15.11
C HIS A 648 -1.44 10.85 -15.33
N SER A 649 -0.39 10.04 -15.35
CA SER A 649 0.98 10.52 -15.55
C SER A 649 1.23 11.00 -16.97
N LEU A 650 0.59 10.34 -17.94
CA LEU A 650 0.78 10.67 -19.36
C LEU A 650 0.26 12.05 -19.69
N LYS A 651 -0.96 12.34 -19.24
CA LYS A 651 -1.55 13.66 -19.44
C LYS A 651 -0.78 14.72 -18.66
N PHE A 652 -0.33 14.36 -17.47
CA PHE A 652 0.41 15.29 -16.61
C PHE A 652 1.73 15.72 -17.21
N ILE A 653 2.56 14.76 -17.62
CA ILE A 653 3.84 15.08 -18.25
C ILE A 653 3.69 15.90 -19.55
N ALA A 654 2.67 15.59 -20.34
CA ALA A 654 2.36 16.34 -21.55
C ALA A 654 2.03 17.80 -21.21
N THR A 655 1.28 17.98 -20.14
CA THR A 655 0.90 19.31 -19.66
C THR A 655 2.11 20.06 -19.10
N LEU A 656 2.96 19.37 -18.34
CA LEU A 656 4.18 19.95 -17.79
C LEU A 656 5.13 20.41 -18.90
N GLN A 657 5.30 19.55 -19.91
CA GLN A 657 6.23 19.83 -21.00
C GLN A 657 5.74 20.96 -21.90
N TYR A 658 4.43 21.02 -22.14
CA TYR A 658 3.87 22.09 -22.96
C TYR A 658 3.87 23.44 -22.25
N ILE A 659 3.31 23.47 -21.05
CA ILE A 659 3.15 24.73 -20.31
C ILE A 659 4.47 25.26 -19.74
N VAL A 660 5.24 24.38 -19.10
CA VAL A 660 6.45 24.77 -18.38
C VAL A 660 7.73 24.51 -19.18
N GLY A 661 7.82 23.30 -19.76
CA GLY A 661 8.99 22.90 -20.54
C GLY A 661 9.29 23.77 -21.74
N ARG A 662 8.25 24.36 -22.33
CA ARG A 662 8.39 25.23 -23.51
C ARG A 662 9.03 26.58 -23.16
N SER A 663 8.77 27.06 -21.94
CA SER A 663 9.27 28.36 -21.50
C SER A 663 10.80 28.37 -21.42
N ARG A 664 11.38 29.53 -21.72
CA ARG A 664 12.83 29.65 -21.84
C ARG A 664 13.59 29.79 -20.51
N LYS A 665 12.85 29.99 -19.42
CA LYS A 665 13.48 30.05 -18.09
C LYS A 665 13.62 28.66 -17.45
N GLN A 666 12.94 27.67 -18.05
CA GLN A 666 12.98 26.29 -17.55
C GLN A 666 14.17 25.51 -18.11
N ASN A 667 15.11 25.15 -17.23
CA ASN A 667 16.23 24.28 -17.59
C ASN A 667 16.20 22.95 -16.84
N ASN A 668 15.40 22.86 -15.79
CA ASN A 668 15.22 21.62 -15.06
C ASN A 668 14.35 20.66 -15.88
N PRO A 669 14.81 19.43 -16.05
CA PRO A 669 14.09 18.44 -16.87
C PRO A 669 12.75 18.01 -16.29
N LEU A 670 11.80 17.73 -17.17
CA LEU A 670 10.47 17.25 -16.80
C LEU A 670 10.20 15.96 -17.57
N LEU A 671 10.42 14.83 -16.90
CA LEU A 671 10.46 13.53 -17.58
C LEU A 671 9.52 12.49 -17.00
N ILE A 672 9.15 11.53 -17.85
CA ILE A 672 8.39 10.36 -17.45
C ILE A 672 9.12 9.11 -17.92
N HIS A 673 9.04 8.05 -17.11
CA HIS A 673 9.43 6.72 -17.58
C HIS A 673 8.24 5.77 -17.43
N VAL A 674 7.87 5.10 -18.52
CA VAL A 674 6.80 4.10 -18.48
C VAL A 674 7.40 2.71 -18.66
N ASP A 675 7.33 1.91 -17.60
CA ASP A 675 7.88 0.56 -17.61
C ASP A 675 6.91 -0.43 -18.27
N THR A 676 7.46 -1.55 -18.74
CA THR A 676 6.64 -2.63 -19.29
C THR A 676 6.55 -3.74 -18.26
N LYS A 677 5.53 -4.59 -18.41
CA LYS A 677 5.35 -5.80 -17.60
C LYS A 677 5.44 -5.54 -16.08
N ALA A 678 5.00 -4.34 -15.68
CA ALA A 678 4.93 -3.95 -14.28
C ALA A 678 3.63 -3.17 -14.06
N GLY A 679 3.24 -3.03 -12.80
CA GLY A 679 2.00 -2.33 -12.46
C GLY A 679 2.17 -1.30 -11.37
N HIS A 680 1.23 -1.27 -10.43
CA HIS A 680 1.22 -0.29 -9.35
C HIS A 680 2.42 -0.41 -8.41
N GLY A 681 2.90 -1.64 -8.22
CA GLY A 681 4.08 -1.88 -7.40
C GLY A 681 4.11 -3.23 -6.69
N ALA A 682 2.96 -3.68 -6.20
CA ALA A 682 2.87 -4.95 -5.48
C ALA A 682 3.23 -6.12 -6.39
N GLY A 683 4.17 -6.96 -5.93
CA GLY A 683 4.61 -8.11 -6.68
C GLY A 683 5.74 -7.86 -7.68
N LYS A 684 6.22 -6.62 -7.75
CA LYS A 684 7.29 -6.23 -8.66
C LYS A 684 8.58 -7.01 -8.34
N PRO A 685 9.15 -7.67 -9.36
CA PRO A 685 10.35 -8.49 -9.16
C PRO A 685 11.56 -7.67 -8.72
N THR A 686 12.43 -8.29 -7.91
CA THR A 686 13.62 -7.66 -7.37
C THR A 686 14.39 -6.87 -8.44
N ALA A 687 14.64 -7.51 -9.58
CA ALA A 687 15.35 -6.88 -10.69
C ALA A 687 14.79 -5.52 -11.07
N LYS A 688 13.47 -5.44 -11.17
CA LYS A 688 12.79 -4.19 -11.52
C LYS A 688 12.82 -3.15 -10.41
N VAL A 689 12.83 -3.63 -9.16
CA VAL A 689 12.95 -2.76 -7.99
C VAL A 689 14.31 -2.06 -8.00
N ILE A 690 15.35 -2.85 -8.29
CA ILE A 690 16.72 -2.32 -8.40
C ILE A 690 16.86 -1.32 -9.56
N GLU A 691 16.24 -1.63 -10.70
CA GLU A 691 16.24 -0.71 -11.84
C GLU A 691 15.63 0.63 -11.46
N GLU A 692 14.45 0.57 -10.83
CA GLU A 692 13.69 1.74 -10.42
C GLU A 692 14.46 2.66 -9.47
N VAL A 693 14.97 2.11 -8.36
CA VAL A 693 15.71 2.93 -7.38
C VAL A 693 16.99 3.49 -7.98
N SER A 694 17.60 2.75 -8.91
CA SER A 694 18.78 3.24 -9.64
C SER A 694 18.42 4.44 -10.52
N ASP A 695 17.27 4.38 -11.21
CA ASP A 695 16.78 5.49 -12.01
C ASP A 695 16.53 6.72 -11.15
N MET A 696 15.87 6.50 -10.00
CA MET A 696 15.48 7.57 -9.09
C MET A 696 16.67 8.37 -8.59
N PHE A 697 17.67 7.67 -8.08
CA PHE A 697 18.82 8.34 -7.48
C PHE A 697 19.87 8.78 -8.51
N ALA A 698 19.80 8.19 -9.70
CA ALA A 698 20.52 8.70 -10.87
C ALA A 698 19.92 10.03 -11.32
N PHE A 699 18.59 10.14 -11.24
CA PHE A 699 17.90 11.39 -11.54
C PHE A 699 18.31 12.48 -10.55
N ILE A 700 18.30 12.14 -9.26
CA ILE A 700 18.69 13.05 -8.20
C ILE A 700 20.17 13.50 -8.36
N ALA A 701 21.05 12.53 -8.56
CA ALA A 701 22.49 12.79 -8.71
C ALA A 701 22.82 13.73 -9.87
N ARG A 702 22.15 13.51 -11.00
CA ARG A 702 22.37 14.31 -12.20
C ARG A 702 21.82 15.72 -12.07
N CYS A 703 20.58 15.83 -11.58
CA CYS A 703 19.91 17.13 -11.45
C CYS A 703 20.52 18.01 -10.36
N LEU A 704 21.07 17.40 -9.32
CA LEU A 704 21.64 18.16 -8.21
C LEU A 704 23.17 18.20 -8.22
N ASN A 705 23.77 17.49 -9.17
CA ASN A 705 25.22 17.42 -9.32
C ASN A 705 25.90 16.85 -8.07
N ILE A 706 25.39 15.70 -7.61
CA ILE A 706 25.93 15.07 -6.41
C ILE A 706 27.03 14.07 -6.75
N ASP A 707 28.18 14.25 -6.10
CA ASP A 707 29.30 13.32 -6.22
C ASP A 707 29.03 12.04 -5.46
N TRP A 708 29.47 10.91 -6.03
CA TRP A 708 29.42 9.62 -5.36
C TRP A 708 30.50 9.57 -4.29
N ILE A 709 30.12 9.08 -3.11
CA ILE A 709 31.06 8.86 -2.02
C ILE A 709 31.24 7.34 -1.83
N PRO A 710 32.32 6.79 -2.39
CA PRO A 710 32.56 5.34 -2.34
C PRO A 710 32.75 4.81 -0.92
N GLY B 1 -7.33 -4.80 -0.56
CA GLY B 1 -6.63 -3.48 -0.59
C GLY B 1 -6.67 -2.83 -1.97
N PHE B 2 -7.49 -1.79 -2.10
CA PHE B 2 -7.73 -1.13 -3.38
C PHE B 2 -7.47 0.37 -3.30
N ARG B 3 -6.76 0.79 -2.26
CA ARG B 3 -6.33 2.17 -2.09
C ARG B 3 -5.22 2.49 -3.08
N PRO B 4 -5.03 3.75 -3.45
CA PRO B 4 -3.88 4.14 -4.27
C PRO B 4 -2.67 4.37 -3.37
#